data_3G5C
#
_entry.id   3G5C
#
_cell.length_a   122.090
_cell.length_b   122.090
_cell.length_c   208.690
_cell.angle_alpha   90.00
_cell.angle_beta   90.00
_cell.angle_gamma   120.00
#
_symmetry.space_group_name_H-M   'H 3'
#
loop_
_entity.id
_entity.type
_entity.pdbx_description
1 polymer 'ADAM 22'
2 non-polymer 2-acetamido-2-deoxy-beta-D-glucopyranose
3 non-polymer 'CALCIUM ION'
4 water water
#
_entity_poly.entity_id   1
_entity_poly.type   'polypeptide(L)'
_entity_poly.pdbx_seq_one_letter_code
;NVEEETKYIELMIVNDHLMFKKHRLSVVHTNTYAKSVVNMADLIYKDQLKTRIVLVAMETWATDNKFAISENPLITLREF
MKYRRDFIKEKSDAVHLFSGSQFESSRSGAAYIGGICSLLKGGGVNEFGKTDLMAVTLAQSLAHNIGIISDKRKLASGEC
KCEDTWSGCIMGDTGYYLPKKFTQCNIEEYHDFLNSGGGACLFNKPSKLLDPPECGNGFIETGEECDCGTPAECVLEGAE
CCKKCTLTQDSQCSDGLCCKKCKFQPMGTVCREAVNDCDIRETCSGNSSQCAPNIHKMDGYSCDGVQGICFGGRCKTRDR
QCKYIWGQKVTASDKYCYEKLNIEGTEKGNCGKDKDTWIQCNKRDVLCGYLLCTNIGNIPRLGELDGEITSTLVVQQGRT
LNCSGGHVKLEEDVDLGYVEDGTPCGPQMMCLEHRCLPVASFNFSTCLSSKEGTICSGNGVCSNELKCVCNRHWIGSDCN
TYFPHNDDAKTGITLSGNGVAGTNHHHHHH
;
_entity_poly.pdbx_strand_id   A,B
#
# COMPACT_ATOMS: atom_id res chain seq x y z
N ASN A 1 -9.58 34.80 -13.98
CA ASN A 1 -9.74 33.32 -14.06
C ASN A 1 -8.95 32.58 -12.97
N VAL A 2 -8.22 31.53 -13.36
CA VAL A 2 -7.43 30.76 -12.41
C VAL A 2 -5.93 31.10 -12.53
N GLU A 3 -5.53 31.58 -13.69
CA GLU A 3 -4.14 31.99 -13.94
C GLU A 3 -3.92 33.49 -13.70
N GLU A 4 -5.01 34.19 -13.37
CA GLU A 4 -4.94 35.61 -13.03
C GLU A 4 -4.87 35.81 -11.51
N GLU A 5 -5.31 34.80 -10.76
CA GLU A 5 -5.27 34.83 -9.30
C GLU A 5 -3.83 34.71 -8.79
N THR A 6 -3.60 35.22 -7.59
CA THR A 6 -2.30 35.09 -6.93
C THR A 6 -2.25 33.73 -6.25
N LYS A 7 -1.16 32.99 -6.50
CA LYS A 7 -0.96 31.67 -5.91
C LYS A 7 -0.03 31.74 -4.70
N TYR A 8 -0.20 30.81 -3.77
CA TYR A 8 0.57 30.83 -2.53
C TYR A 8 1.11 29.44 -2.17
N ILE A 9 2.42 29.30 -2.23
CA ILE A 9 3.07 28.04 -1.89
C ILE A 9 3.50 28.04 -0.42
N GLU A 10 2.71 27.36 0.41
CA GLU A 10 3.03 27.16 1.82
C GLU A 10 4.19 26.16 1.89
N LEU A 11 5.36 26.67 2.28
CA LEU A 11 6.58 25.89 2.21
C LEU A 11 7.20 25.55 3.56
N MET A 12 7.61 24.29 3.69
CA MET A 12 8.39 23.86 4.85
C MET A 12 9.82 23.53 4.41
N ILE A 13 10.79 23.94 5.22
CA ILE A 13 12.20 23.70 4.94
C ILE A 13 12.83 22.84 6.04
N VAL A 14 13.57 21.81 5.63
CA VAL A 14 14.31 20.98 6.56
C VAL A 14 15.81 21.14 6.32
N ASN A 15 16.53 21.56 7.36
CA ASN A 15 17.98 21.71 7.30
C ASN A 15 18.65 20.48 7.91
N ASP A 16 19.54 19.84 7.16
CA ASP A 16 20.27 18.67 7.66
C ASP A 16 21.46 19.09 8.54
N HIS A 17 22.15 18.10 9.10
CA HIS A 17 23.24 18.35 10.04
C HIS A 17 24.43 19.10 9.44
N LEU A 18 24.74 18.81 8.17
CA LEU A 18 25.83 19.50 7.47
C LEU A 18 25.51 20.95 7.17
N MET A 19 24.21 21.25 6.99
CA MET A 19 23.73 22.62 6.82
C MET A 19 23.84 23.37 8.15
N PHE A 20 23.63 22.65 9.25
CA PHE A 20 23.73 23.18 10.59
C PHE A 20 25.17 23.49 10.97
N LYS A 21 26.10 22.66 10.51
CA LYS A 21 27.53 22.84 10.75
C LYS A 21 28.10 23.98 9.91
N LYS A 22 27.45 24.30 8.79
CA LYS A 22 27.85 25.38 7.91
C LYS A 22 27.60 26.76 8.54
N HIS A 23 26.89 26.77 9.66
CA HIS A 23 26.57 28.02 10.36
C HIS A 23 26.93 27.99 11.84
N ARG A 24 28.13 27.46 12.12
CA ARG A 24 28.72 27.45 13.46
C ARG A 24 27.85 26.85 14.56
N LEU A 25 27.17 25.74 14.24
CA LEU A 25 26.29 25.04 15.18
C LEU A 25 25.25 25.98 15.82
N SER A 26 24.76 26.93 15.04
CA SER A 26 23.80 27.92 15.50
C SER A 26 22.44 27.74 14.83
N VAL A 27 21.41 27.54 15.65
CA VAL A 27 20.05 27.33 15.17
C VAL A 27 19.45 28.61 14.60
N VAL A 28 19.70 29.74 15.28
CA VAL A 28 19.19 31.04 14.86
C VAL A 28 19.77 31.50 13.52
N HIS A 29 21.07 31.21 13.31
CA HIS A 29 21.76 31.55 12.06
C HIS A 29 21.19 30.77 10.88
N THR A 30 21.10 29.45 11.01
CA THR A 30 20.59 28.56 9.97
C THR A 30 19.17 28.91 9.52
N ASN A 31 18.30 29.15 10.50
CA ASN A 31 16.90 29.47 10.22
C ASN A 31 16.71 30.82 9.53
N THR A 32 17.44 31.83 9.99
CA THR A 32 17.40 33.16 9.38
C THR A 32 18.10 33.16 8.00
N TYR A 33 19.09 32.29 7.85
CA TYR A 33 19.79 32.12 6.59
C TYR A 33 18.87 31.48 5.54
N ALA A 34 18.07 30.51 5.99
CA ALA A 34 17.12 29.81 5.11
C ALA A 34 15.93 30.69 4.75
N LYS A 35 15.56 31.60 5.64
CA LYS A 35 14.50 32.57 5.38
C LYS A 35 14.92 33.52 4.25
N SER A 36 16.21 33.84 4.20
CA SER A 36 16.77 34.71 3.17
C SER A 36 16.69 34.07 1.79
N VAL A 37 17.00 32.76 1.73
CA VAL A 37 16.93 31.98 0.50
C VAL A 37 15.49 31.92 -0.01
N VAL A 38 14.55 31.68 0.90
CA VAL A 38 13.12 31.64 0.59
C VAL A 38 12.63 33.03 0.16
N ASN A 39 13.08 34.06 0.86
CA ASN A 39 12.71 35.46 0.57
C ASN A 39 13.10 35.89 -0.84
N MET A 40 14.30 35.51 -1.26
CA MET A 40 14.81 35.84 -2.59
C MET A 40 14.10 35.04 -3.67
N ALA A 41 13.79 33.77 -3.36
CA ALA A 41 13.04 32.90 -4.26
C ALA A 41 11.60 33.40 -4.41
N ASP A 42 11.08 34.02 -3.35
CA ASP A 42 9.75 34.63 -3.37
C ASP A 42 9.74 35.80 -4.35
N LEU A 43 10.73 36.69 -4.25
CA LEU A 43 10.85 37.87 -5.12
C LEU A 43 10.86 37.52 -6.60
N ILE A 44 11.46 36.39 -6.93
CA ILE A 44 11.50 35.87 -8.30
C ILE A 44 10.10 35.42 -8.74
N TYR A 45 9.43 34.69 -7.84
CA TYR A 45 8.10 34.17 -8.09
C TYR A 45 7.01 35.25 -8.03
N LYS A 46 7.19 36.21 -7.13
CA LYS A 46 6.22 37.28 -6.87
C LYS A 46 5.72 37.99 -8.12
N ASP A 47 6.65 38.35 -9.00
CA ASP A 47 6.32 39.10 -10.20
C ASP A 47 5.98 38.22 -11.40
N GLN A 48 6.92 37.36 -11.78
CA GLN A 48 6.82 36.57 -13.00
C GLN A 48 5.69 35.54 -13.04
N LEU A 49 5.58 34.77 -11.98
CA LEU A 49 4.59 33.67 -11.93
C LEU A 49 3.30 34.05 -11.21
N LYS A 50 3.24 35.27 -10.70
CA LYS A 50 2.09 35.76 -9.91
C LYS A 50 1.83 34.79 -8.74
N THR A 51 2.93 34.33 -8.14
CA THR A 51 2.89 33.32 -7.09
C THR A 51 3.81 33.74 -5.95
N ARG A 52 3.41 33.44 -4.71
CA ARG A 52 4.19 33.82 -3.54
C ARG A 52 4.70 32.59 -2.79
N ILE A 53 5.97 32.66 -2.35
CA ILE A 53 6.58 31.59 -1.58
C ILE A 53 6.52 31.95 -0.09
N VAL A 54 5.60 31.31 0.62
CA VAL A 54 5.42 31.56 2.04
C VAL A 54 5.98 30.44 2.89
N LEU A 55 6.96 30.77 3.73
CA LEU A 55 7.53 29.81 4.67
C LEU A 55 6.59 29.67 5.86
N VAL A 56 6.04 28.46 6.02
CA VAL A 56 5.07 28.19 7.08
C VAL A 56 5.63 27.37 8.24
N ALA A 57 6.64 26.55 7.95
CA ALA A 57 7.27 25.71 8.96
C ALA A 57 8.75 25.44 8.63
N MET A 58 9.52 25.05 9.65
CA MET A 58 10.94 24.74 9.48
C MET A 58 11.49 23.92 10.65
N GLU A 59 12.35 22.96 10.32
CA GLU A 59 13.09 22.21 11.35
C GLU A 59 14.56 22.05 10.93
N THR A 60 15.44 21.99 11.93
CA THR A 60 16.87 21.86 11.70
C THR A 60 17.45 20.70 12.51
N TRP A 61 18.16 19.81 11.82
CA TRP A 61 18.76 18.64 12.46
C TRP A 61 20.07 19.02 13.15
N ALA A 62 19.94 19.48 14.38
CA ALA A 62 21.05 20.00 15.17
C ALA A 62 22.03 18.95 15.66
N THR A 63 21.54 17.73 15.85
CA THR A 63 22.35 16.64 16.38
C THR A 63 22.96 15.77 15.29
N ASP A 64 22.13 15.25 14.39
CA ASP A 64 22.56 14.35 13.33
C ASP A 64 21.48 14.16 12.25
N ASN A 65 21.84 13.45 11.19
CA ASN A 65 20.90 13.16 10.10
C ASN A 65 19.98 11.99 10.43
N LYS A 66 18.70 12.13 10.07
CA LYS A 66 17.70 11.10 10.32
C LYS A 66 17.81 9.94 9.33
N PHE A 67 18.33 10.24 8.14
CA PHE A 67 18.61 9.24 7.14
C PHE A 67 19.92 9.57 6.39
N ALA A 68 20.46 8.59 5.67
CA ALA A 68 21.70 8.75 4.93
C ALA A 68 21.51 9.65 3.70
N ILE A 69 22.11 10.83 3.76
CA ILE A 69 22.05 11.78 2.64
C ILE A 69 22.99 11.31 1.52
N SER A 70 22.46 11.22 0.30
CA SER A 70 23.20 10.67 -0.82
C SER A 70 23.75 11.72 -1.78
N GLU A 71 24.86 11.36 -2.44
CA GLU A 71 25.50 12.20 -3.45
C GLU A 71 24.63 12.33 -4.70
N ASN A 72 23.80 11.32 -4.94
CA ASN A 72 22.80 11.35 -6.00
C ASN A 72 21.58 12.14 -5.48
N PRO A 73 21.22 13.23 -6.17
CA PRO A 73 20.07 14.06 -5.77
C PRO A 73 18.73 13.32 -5.77
N LEU A 74 18.55 12.39 -6.70
CA LEU A 74 17.31 11.64 -6.82
C LEU A 74 17.13 10.61 -5.70
N ILE A 75 18.22 9.94 -5.33
CA ILE A 75 18.20 8.97 -4.21
C ILE A 75 17.86 9.70 -2.91
N THR A 76 18.48 10.86 -2.71
CA THR A 76 18.22 11.70 -1.54
C THR A 76 16.77 12.18 -1.51
N LEU A 77 16.28 12.62 -2.67
CA LEU A 77 14.91 13.09 -2.83
C LEU A 77 13.88 12.03 -2.43
N ARG A 78 14.11 10.79 -2.89
CA ARG A 78 13.22 9.66 -2.62
C ARG A 78 13.20 9.29 -1.14
N GLU A 79 14.39 9.28 -0.51
CA GLU A 79 14.51 8.97 0.91
C GLU A 79 13.99 10.09 1.79
N PHE A 80 14.05 11.33 1.29
CA PHE A 80 13.56 12.49 2.02
C PHE A 80 12.03 12.52 2.10
N MET A 81 11.39 12.11 1.00
CA MET A 81 9.92 12.06 0.96
C MET A 81 9.38 10.91 1.80
N LYS A 82 10.21 9.88 1.98
CA LYS A 82 9.90 8.78 2.89
C LYS A 82 9.92 9.31 4.34
N TYR A 83 10.90 10.13 4.65
CA TYR A 83 11.02 10.74 5.97
C TYR A 83 9.84 11.65 6.29
N ARG A 84 9.46 12.48 5.31
CA ARG A 84 8.38 13.44 5.51
C ARG A 84 7.00 12.80 5.60
N ARG A 85 6.86 11.64 4.95
CA ARG A 85 5.60 10.89 5.00
C ARG A 85 5.40 10.27 6.38
N ASP A 86 6.50 9.82 6.98
CA ASP A 86 6.45 9.08 8.24
C ASP A 86 6.70 9.90 9.49
N PHE A 87 7.31 11.06 9.35
CA PHE A 87 7.69 11.86 10.52
C PHE A 87 7.18 13.31 10.53
N ILE A 88 7.15 13.96 9.36
CA ILE A 88 6.68 15.34 9.27
C ILE A 88 5.16 15.40 9.39
N LYS A 89 4.68 16.07 10.44
CA LYS A 89 3.24 16.19 10.70
C LYS A 89 2.72 17.62 10.68
N GLU A 90 3.50 18.52 10.07
CA GLU A 90 3.06 19.91 9.84
C GLU A 90 2.48 20.06 8.44
N LYS A 91 1.50 20.96 8.29
CA LYS A 91 0.81 21.15 7.01
C LYS A 91 1.55 22.12 6.09
N SER A 92 1.80 21.65 4.86
CA SER A 92 2.49 22.45 3.86
C SER A 92 2.18 21.96 2.44
N ASP A 93 2.27 22.88 1.47
CA ASP A 93 2.07 22.55 0.07
C ASP A 93 3.30 21.81 -0.49
N ALA A 94 4.49 22.15 0.02
CA ALA A 94 5.74 21.52 -0.39
C ALA A 94 6.76 21.49 0.75
N VAL A 95 7.53 20.40 0.83
CA VAL A 95 8.57 20.24 1.83
C VAL A 95 9.94 20.06 1.13
N HIS A 96 10.86 20.99 1.37
CA HIS A 96 12.17 20.95 0.74
C HIS A 96 13.33 20.78 1.71
N LEU A 97 14.33 20.01 1.29
CA LEU A 97 15.52 19.76 2.08
C LEU A 97 16.66 20.71 1.70
N PHE A 98 17.26 21.31 2.73
CA PHE A 98 18.42 22.17 2.55
C PHE A 98 19.65 21.40 3.04
N SER A 99 20.36 20.78 2.09
CA SER A 99 21.53 19.96 2.42
C SER A 99 22.83 20.75 2.37
N GLY A 100 23.64 20.58 3.42
CA GLY A 100 24.93 21.24 3.51
C GLY A 100 25.99 20.64 2.60
N SER A 101 25.76 19.38 2.21
CA SER A 101 26.66 18.66 1.31
C SER A 101 26.43 19.07 -0.15
N GLN A 102 27.19 18.46 -1.06
CA GLN A 102 27.10 18.78 -2.49
C GLN A 102 26.85 17.53 -3.32
N PHE A 103 25.98 17.66 -4.32
CA PHE A 103 25.65 16.55 -5.22
C PHE A 103 26.71 16.38 -6.32
N GLU A 104 26.69 15.23 -6.99
CA GLU A 104 27.67 14.88 -8.00
C GLU A 104 27.55 15.70 -9.27
N SER A 105 26.39 15.59 -9.93
CA SER A 105 26.13 16.28 -11.19
C SER A 105 25.91 17.78 -10.98
N SER A 106 26.05 18.55 -12.06
CA SER A 106 25.82 20.00 -12.04
C SER A 106 24.41 20.36 -11.59
N ARG A 107 23.51 19.38 -11.61
CA ARG A 107 22.17 19.52 -11.05
C ARG A 107 22.27 19.76 -9.55
N SER A 108 21.97 20.99 -9.15
CA SER A 108 22.05 21.40 -7.75
C SER A 108 20.84 20.95 -6.92
N GLY A 109 19.91 20.27 -7.56
CA GLY A 109 18.72 19.78 -6.88
C GLY A 109 17.85 18.85 -7.70
N ALA A 110 16.91 18.20 -7.02
CA ALA A 110 15.95 17.32 -7.65
C ALA A 110 14.58 17.44 -6.98
N ALA A 111 13.54 17.58 -7.80
CA ALA A 111 12.17 17.69 -7.32
C ALA A 111 11.21 17.06 -8.32
N TYR A 112 10.11 16.50 -7.81
CA TYR A 112 9.13 15.80 -8.63
C TYR A 112 8.32 16.72 -9.52
N ILE A 113 8.21 16.36 -10.79
CA ILE A 113 7.45 17.15 -11.77
C ILE A 113 5.96 17.06 -11.47
N GLY A 114 5.36 18.23 -11.23
CA GLY A 114 3.94 18.33 -10.87
C GLY A 114 3.67 17.68 -9.53
N GLY A 115 4.54 17.98 -8.56
CA GLY A 115 4.51 17.31 -7.27
C GLY A 115 3.71 17.95 -6.15
N ILE A 116 3.49 19.27 -6.24
CA ILE A 116 2.78 20.01 -5.19
C ILE A 116 1.44 19.41 -4.79
N CYS A 117 1.03 19.68 -3.54
CA CYS A 117 -0.22 19.18 -2.97
C CYS A 117 -0.20 17.67 -2.67
N SER A 118 0.79 16.97 -3.22
CA SER A 118 0.95 15.54 -3.00
C SER A 118 1.75 15.27 -1.72
N LEU A 119 1.40 14.19 -1.03
CA LEU A 119 2.06 13.82 0.22
C LEU A 119 3.40 13.13 -0.02
N LEU A 120 3.47 12.31 -1.07
CA LEU A 120 4.69 11.58 -1.41
C LEU A 120 5.54 12.26 -2.46
N LYS A 121 4.94 13.16 -3.24
CA LYS A 121 5.65 13.81 -4.35
C LYS A 121 5.89 15.31 -4.16
N GLY A 122 5.21 15.90 -3.19
CA GLY A 122 5.31 17.34 -2.96
C GLY A 122 6.56 17.79 -2.22
N GLY A 123 7.68 17.84 -2.94
CA GLY A 123 8.93 18.27 -2.34
C GLY A 123 10.15 18.17 -3.23
N GLY A 124 11.29 18.62 -2.69
CA GLY A 124 12.55 18.56 -3.41
C GLY A 124 13.76 18.57 -2.48
N VAL A 125 14.93 18.42 -3.07
CA VAL A 125 16.20 18.45 -2.33
C VAL A 125 17.11 19.52 -2.95
N ASN A 126 17.77 20.30 -2.11
CA ASN A 126 18.62 21.39 -2.57
C ASN A 126 19.99 21.40 -1.90
N GLU A 127 21.04 21.44 -2.71
CA GLU A 127 22.41 21.48 -2.19
C GLU A 127 22.80 22.88 -1.72
N PHE A 128 23.84 22.94 -0.89
CA PHE A 128 24.31 24.20 -0.30
C PHE A 128 24.96 25.12 -1.32
N GLY A 129 24.78 26.42 -1.09
CA GLY A 129 25.39 27.45 -1.92
C GLY A 129 25.27 28.81 -1.26
N LYS A 130 25.47 29.88 -2.04
CA LYS A 130 25.33 31.25 -1.55
C LYS A 130 23.84 31.60 -1.51
N THR A 131 23.50 32.60 -0.70
CA THR A 131 22.11 33.04 -0.52
C THR A 131 21.40 33.31 -1.86
N ASP A 132 22.08 34.03 -2.75
CA ASP A 132 21.55 34.34 -4.08
C ASP A 132 21.49 33.11 -4.97
N LEU A 133 22.51 32.26 -4.86
CA LEU A 133 22.65 31.06 -5.69
C LEU A 133 21.66 29.95 -5.32
N MET A 134 21.46 29.76 -4.02
CA MET A 134 20.56 28.73 -3.50
C MET A 134 19.09 29.06 -3.76
N ALA A 135 18.79 30.35 -3.81
CA ALA A 135 17.44 30.82 -4.10
C ALA A 135 17.01 30.42 -5.52
N VAL A 136 17.98 30.41 -6.43
CA VAL A 136 17.75 29.97 -7.80
C VAL A 136 17.51 28.46 -7.82
N THR A 137 18.30 27.72 -7.04
CA THR A 137 18.16 26.27 -6.91
C THR A 137 16.77 25.89 -6.38
N LEU A 138 16.28 26.66 -5.42
CA LEU A 138 14.94 26.47 -4.87
C LEU A 138 13.86 26.89 -5.86
N ALA A 139 14.15 27.94 -6.63
CA ALA A 139 13.21 28.47 -7.63
C ALA A 139 12.97 27.49 -8.77
N GLN A 140 13.99 26.70 -9.10
CA GLN A 140 13.87 25.67 -10.15
C GLN A 140 13.37 24.34 -9.59
N SER A 141 13.57 24.13 -8.29
CA SER A 141 13.05 22.93 -7.61
C SER A 141 11.54 23.04 -7.44
N LEU A 142 11.08 24.22 -7.00
CA LEU A 142 9.66 24.49 -6.85
C LEU A 142 8.95 24.59 -8.21
N ALA A 143 9.68 25.01 -9.23
CA ALA A 143 9.17 25.10 -10.60
C ALA A 143 8.78 23.72 -11.13
N HIS A 144 9.60 22.71 -10.81
CA HIS A 144 9.33 21.32 -11.17
C HIS A 144 8.06 20.82 -10.49
N ASN A 145 7.95 21.08 -9.18
CA ASN A 145 6.74 20.77 -8.41
C ASN A 145 5.53 21.48 -9.03
N ILE A 146 5.78 22.70 -9.53
CA ILE A 146 4.74 23.57 -10.07
C ILE A 146 4.32 23.25 -11.52
N GLY A 147 5.06 22.37 -12.18
CA GLY A 147 4.72 21.93 -13.52
C GLY A 147 5.60 22.48 -14.63
N ILE A 148 6.48 23.42 -14.28
CA ILE A 148 7.44 23.98 -15.21
C ILE A 148 8.58 22.97 -15.41
N ILE A 149 8.66 22.42 -16.61
CA ILE A 149 9.61 21.33 -16.90
C ILE A 149 10.75 21.70 -17.83
N SER A 150 10.62 22.84 -18.51
CA SER A 150 11.56 23.28 -19.56
C SER A 150 11.53 22.28 -20.72
N ASP A 151 10.59 22.49 -21.64
CA ASP A 151 10.34 21.60 -22.78
C ASP A 151 11.59 21.33 -23.62
N LYS A 152 12.02 20.07 -23.64
CA LYS A 152 13.22 19.64 -24.37
C LYS A 152 13.00 19.63 -25.89
N ARG A 153 11.79 19.25 -26.31
CA ARG A 153 11.43 19.18 -27.72
C ARG A 153 11.51 20.55 -28.39
N LYS A 154 10.95 21.56 -27.72
CA LYS A 154 10.97 22.93 -28.22
C LYS A 154 12.37 23.55 -28.12
N LEU A 155 13.14 23.13 -27.12
CA LEU A 155 14.52 23.58 -26.93
C LEU A 155 15.44 23.09 -28.04
N ALA A 156 15.36 21.78 -28.34
CA ALA A 156 16.19 21.16 -29.38
C ALA A 156 15.88 21.70 -30.77
N SER A 157 14.62 22.09 -30.98
CA SER A 157 14.20 22.68 -32.23
C SER A 157 14.61 24.15 -32.32
N GLY A 158 14.73 24.79 -31.15
CA GLY A 158 15.07 26.21 -31.09
C GLY A 158 13.83 27.08 -30.96
N GLU A 159 12.70 26.42 -30.68
CA GLU A 159 11.42 27.10 -30.50
C GLU A 159 11.45 27.98 -29.24
N CYS A 160 11.78 27.38 -28.10
CA CYS A 160 11.86 28.15 -26.86
C CYS A 160 13.32 28.54 -26.54
N LYS A 161 13.58 29.85 -26.55
CA LYS A 161 14.91 30.38 -26.25
C LYS A 161 14.83 31.49 -25.21
N CYS A 162 15.86 31.57 -24.37
CA CYS A 162 15.95 32.60 -23.33
C CYS A 162 16.16 33.97 -23.98
N GLU A 163 15.08 34.76 -24.01
CA GLU A 163 15.09 36.07 -24.65
C GLU A 163 15.96 37.08 -23.92
N ASP A 164 15.77 37.18 -22.61
CA ASP A 164 16.56 38.07 -21.77
C ASP A 164 17.68 37.26 -21.11
N THR A 165 18.86 37.30 -21.71
CA THR A 165 20.04 36.62 -21.16
C THR A 165 20.61 37.47 -20.01
N TRP A 166 19.72 37.89 -19.11
CA TRP A 166 20.10 38.65 -17.91
C TRP A 166 20.69 37.64 -16.93
N SER A 167 21.92 37.22 -17.22
CA SER A 167 22.56 36.10 -16.54
C SER A 167 21.69 34.83 -16.71
N GLY A 168 21.15 34.66 -17.93
CA GLY A 168 20.38 33.46 -18.29
C GLY A 168 18.99 33.31 -17.70
N CYS A 169 18.32 32.23 -18.10
CA CYS A 169 16.99 31.88 -17.62
C CYS A 169 17.08 30.72 -16.60
N ILE A 170 16.18 30.73 -15.62
CA ILE A 170 16.21 29.77 -14.50
C ILE A 170 16.11 28.32 -14.93
N MET A 171 15.12 28.01 -15.76
CA MET A 171 14.93 26.65 -16.26
C MET A 171 15.91 26.33 -17.39
N GLY A 172 16.93 27.17 -17.52
CA GLY A 172 18.03 26.93 -18.45
C GLY A 172 19.31 26.70 -17.65
N ASP A 173 19.35 25.57 -16.93
CA ASP A 173 20.53 25.19 -16.15
C ASP A 173 21.70 24.82 -17.05
N THR A 174 21.47 24.92 -18.36
CA THR A 174 22.50 24.70 -19.40
C THR A 174 23.72 25.60 -19.16
N GLY A 175 23.48 26.80 -18.64
CA GLY A 175 24.55 27.71 -18.24
C GLY A 175 24.33 28.10 -16.78
N TYR A 176 25.40 28.15 -16.00
CA TYR A 176 25.27 28.45 -14.58
C TYR A 176 26.02 29.71 -14.14
N TYR A 177 25.25 30.69 -13.70
CA TYR A 177 25.74 32.00 -13.28
C TYR A 177 24.81 32.54 -12.20
N LEU A 178 23.75 33.24 -12.61
CA LEU A 178 22.69 33.68 -11.71
C LEU A 178 21.40 33.99 -12.49
N PRO A 179 20.70 32.94 -12.98
CA PRO A 179 19.44 33.12 -13.70
C PRO A 179 18.37 33.75 -12.82
N LYS A 180 17.71 34.79 -13.34
CA LYS A 180 16.74 35.56 -12.56
C LYS A 180 15.34 35.55 -13.18
N LYS A 181 15.22 34.97 -14.38
CA LYS A 181 13.95 34.99 -15.11
C LYS A 181 13.52 33.65 -15.70
N PHE A 182 12.21 33.49 -15.82
CA PHE A 182 11.61 32.35 -16.51
C PHE A 182 11.26 32.76 -17.95
N THR A 183 11.37 31.82 -18.87
CA THR A 183 10.97 32.06 -20.27
C THR A 183 9.45 32.13 -20.35
N GLN A 184 8.93 32.73 -21.43
CA GLN A 184 7.49 32.77 -21.67
C GLN A 184 6.90 31.36 -21.82
N CYS A 185 7.73 30.42 -22.28
CA CYS A 185 7.35 29.01 -22.38
C CYS A 185 7.16 28.42 -20.98
N ASN A 186 7.99 28.84 -20.03
CA ASN A 186 7.89 28.42 -18.64
C ASN A 186 6.55 28.85 -18.01
N ILE A 187 6.16 30.08 -18.30
CA ILE A 187 4.91 30.66 -17.78
C ILE A 187 3.70 29.90 -18.34
N GLU A 188 3.78 29.53 -19.61
CA GLU A 188 2.71 28.79 -20.28
C GLU A 188 2.55 27.39 -19.70
N GLU A 189 3.67 26.71 -19.47
CA GLU A 189 3.70 25.38 -18.86
C GLU A 189 3.06 25.39 -17.46
N TYR A 190 3.23 26.50 -16.75
CA TYR A 190 2.64 26.69 -15.43
C TYR A 190 1.14 26.95 -15.53
N HIS A 191 0.74 27.77 -16.50
CA HIS A 191 -0.67 28.05 -16.75
C HIS A 191 -1.43 26.78 -17.14
N ASP A 192 -0.82 26.01 -18.04
CA ASP A 192 -1.39 24.74 -18.52
C ASP A 192 -1.57 23.73 -17.39
N PHE A 193 -0.67 23.79 -16.40
CA PHE A 193 -0.73 22.91 -15.24
C PHE A 193 -1.91 23.27 -14.33
N LEU A 194 -2.12 24.57 -14.12
CA LEU A 194 -3.21 25.07 -13.30
C LEU A 194 -4.56 24.86 -14.00
N ASN A 195 -4.57 25.07 -15.32
CA ASN A 195 -5.76 24.84 -16.14
C ASN A 195 -6.07 23.34 -16.29
N SER A 196 -5.05 22.51 -16.08
CA SER A 196 -5.20 21.06 -16.11
C SER A 196 -5.82 20.52 -14.81
N GLY A 197 -5.82 21.35 -13.77
CA GLY A 197 -6.40 20.98 -12.48
C GLY A 197 -5.37 20.77 -11.38
N GLY A 198 -4.10 21.05 -11.70
CA GLY A 198 -3.02 20.88 -10.74
C GLY A 198 -2.79 22.12 -9.89
N GLY A 199 -2.32 21.90 -8.66
CA GLY A 199 -2.03 22.98 -7.74
C GLY A 199 -3.24 23.57 -7.06
N ALA A 200 -4.14 22.70 -6.60
CA ALA A 200 -5.36 23.13 -5.92
C ALA A 200 -5.09 23.69 -4.52
N CYS A 201 -4.04 23.21 -3.88
CA CYS A 201 -3.66 23.64 -2.53
C CYS A 201 -2.92 24.98 -2.52
N LEU A 202 -2.71 25.55 -3.71
CA LEU A 202 -1.97 26.81 -3.87
C LEU A 202 -2.87 28.04 -3.88
N PHE A 203 -4.10 27.90 -3.41
CA PHE A 203 -5.09 28.99 -3.50
C PHE A 203 -5.58 29.58 -2.18
N ASN A 204 -5.03 29.11 -1.07
CA ASN A 204 -5.35 29.68 0.24
C ASN A 204 -4.23 30.59 0.74
N LYS A 205 -4.64 31.71 1.36
CA LYS A 205 -3.67 32.66 1.90
C LYS A 205 -3.33 32.38 3.35
N PRO A 206 -2.02 32.25 3.64
CA PRO A 206 -1.54 32.07 5.02
C PRO A 206 -1.75 33.37 5.83
N SER A 207 -1.71 33.23 7.16
CA SER A 207 -1.88 34.36 8.06
C SER A 207 -0.62 34.62 8.88
N LYS A 208 -0.33 33.72 9.81
CA LYS A 208 0.84 33.85 10.67
C LYS A 208 2.10 33.30 10.03
N LEU A 209 2.78 34.14 9.25
CA LEU A 209 4.09 33.78 8.71
C LEU A 209 5.04 33.72 9.93
N LEU A 210 5.97 32.76 9.91
CA LEU A 210 6.90 32.53 11.04
C LEU A 210 7.75 33.71 11.44
N ASP A 211 7.36 34.89 10.96
CA ASP A 211 8.03 36.15 11.27
C ASP A 211 7.04 37.14 11.88
N PRO A 212 7.51 37.89 12.89
CA PRO A 212 6.66 38.93 13.57
C PRO A 212 5.90 39.83 12.59
N PRO A 213 4.60 40.13 12.90
CA PRO A 213 3.72 40.94 12.07
C PRO A 213 4.30 42.27 11.59
N GLU A 214 3.99 42.63 10.36
CA GLU A 214 4.42 43.89 9.75
C GLU A 214 3.29 44.39 8.85
N CYS A 215 2.71 45.53 9.23
CA CYS A 215 1.58 46.09 8.50
C CYS A 215 1.98 46.65 7.13
N GLY A 216 1.44 46.03 6.08
CA GLY A 216 1.70 46.49 4.72
C GLY A 216 2.44 45.50 3.83
N ASN A 217 2.42 44.22 4.20
CA ASN A 217 3.04 43.17 3.39
C ASN A 217 2.01 42.42 2.54
N GLY A 218 0.73 42.67 2.81
CA GLY A 218 -0.36 42.03 2.09
C GLY A 218 -0.90 40.77 2.75
N PHE A 219 -0.42 40.52 3.97
CA PHE A 219 -0.81 39.33 4.74
C PHE A 219 -1.41 39.74 6.07
N ILE A 220 -2.63 39.27 6.34
CA ILE A 220 -3.31 39.58 7.60
C ILE A 220 -2.76 38.69 8.71
N GLU A 221 -1.90 39.29 9.54
CA GLU A 221 -1.24 38.61 10.64
C GLU A 221 -1.99 38.86 11.96
N THR A 222 -1.38 38.47 13.08
CA THR A 222 -1.98 38.69 14.40
C THR A 222 -1.91 40.16 14.82
N GLY A 223 -3.06 40.71 15.21
CA GLY A 223 -3.15 42.10 15.62
C GLY A 223 -3.84 42.99 14.59
N GLU A 224 -3.54 42.73 13.32
CA GLU A 224 -4.11 43.51 12.22
C GLU A 224 -5.37 42.87 11.64
N GLU A 225 -6.37 43.80 11.38
CA GLU A 225 -7.68 43.41 10.89
C GLU A 225 -7.66 43.19 9.39
N CYS A 226 -7.20 44.21 8.67
CA CYS A 226 -7.05 44.14 7.22
C CYS A 226 -5.59 44.35 6.82
N ASP A 227 -5.34 44.27 5.51
CA ASP A 227 -4.04 44.51 4.93
C ASP A 227 -4.15 44.46 3.41
N CYS A 228 -3.99 45.61 2.78
CA CYS A 228 -3.90 45.68 1.32
C CYS A 228 -2.43 45.42 0.96
N GLY A 229 -2.11 45.43 -0.34
CA GLY A 229 -0.74 45.18 -0.79
C GLY A 229 0.26 46.14 -0.16
N THR A 230 0.51 47.26 -0.84
CA THR A 230 1.34 48.35 -0.35
C THR A 230 0.67 49.63 -0.86
N PRO A 231 0.83 50.77 -0.15
CA PRO A 231 0.22 52.05 -0.53
C PRO A 231 0.07 52.29 -2.04
N ALA A 232 1.00 51.77 -2.83
CA ALA A 232 0.94 51.86 -4.29
C ALA A 232 -0.13 50.92 -4.86
N GLU A 233 0.05 49.62 -4.64
CA GLU A 233 -0.89 48.60 -5.12
C GLU A 233 -2.16 48.54 -4.27
N CYS A 234 -2.17 49.28 -3.18
CA CYS A 234 -3.32 49.40 -2.28
C CYS A 234 -4.42 50.26 -2.91
N VAL A 235 -4.00 51.28 -3.66
CA VAL A 235 -4.91 52.20 -4.35
C VAL A 235 -5.83 51.43 -5.32
N LEU A 236 -5.28 50.41 -5.96
CA LEU A 236 -6.03 49.56 -6.90
C LEU A 236 -7.19 48.84 -6.23
N GLU A 237 -6.94 48.31 -5.03
CA GLU A 237 -7.96 47.61 -4.25
C GLU A 237 -7.63 47.61 -2.76
N GLY A 238 -8.55 48.11 -1.95
CA GLY A 238 -8.41 48.06 -0.49
C GLY A 238 -8.16 49.36 0.23
N ALA A 239 -7.59 50.33 -0.46
CA ALA A 239 -7.25 51.64 0.11
C ALA A 239 -8.46 52.39 0.67
N GLU A 240 -9.64 52.05 0.14
CA GLU A 240 -10.89 52.71 0.53
C GLU A 240 -11.38 52.27 1.91
N CYS A 241 -11.10 51.02 2.27
CA CYS A 241 -11.60 50.46 3.53
C CYS A 241 -10.53 50.09 4.55
N CYS A 242 -9.29 49.90 4.10
CA CYS A 242 -8.19 49.56 5.00
C CYS A 242 -7.34 50.79 5.30
N LYS A 243 -7.06 51.01 6.58
CA LYS A 243 -6.26 52.14 7.04
C LYS A 243 -5.46 51.73 8.28
N LYS A 244 -4.14 51.73 8.13
CA LYS A 244 -3.20 51.33 9.19
C LYS A 244 -3.54 49.92 9.71
N CYS A 245 -3.89 49.04 8.77
CA CYS A 245 -4.31 47.66 9.07
C CYS A 245 -5.58 47.58 9.93
N THR A 246 -6.44 48.58 9.78
CA THR A 246 -7.73 48.64 10.49
C THR A 246 -8.84 49.07 9.53
N LEU A 247 -10.00 48.40 9.66
CA LEU A 247 -11.15 48.68 8.81
C LEU A 247 -11.78 50.04 9.08
N THR A 248 -12.31 50.67 8.04
CA THR A 248 -12.98 51.96 8.17
C THR A 248 -14.38 51.77 8.77
N GLN A 249 -15.24 52.78 8.62
CA GLN A 249 -16.60 52.74 9.15
C GLN A 249 -17.43 51.68 8.43
N ASP A 250 -17.69 51.90 7.14
CA ASP A 250 -18.48 50.98 6.34
C ASP A 250 -17.59 49.98 5.60
N SER A 251 -17.19 48.92 6.32
CA SER A 251 -16.32 47.89 5.76
C SER A 251 -16.38 46.58 6.52
N GLN A 252 -16.34 45.48 5.76
CA GLN A 252 -16.27 44.13 6.31
C GLN A 252 -14.96 43.50 5.82
N CYS A 253 -14.48 44.01 4.70
CA CYS A 253 -13.26 43.54 4.07
C CYS A 253 -12.53 44.69 3.38
N SER A 254 -11.29 44.43 2.95
CA SER A 254 -10.50 45.41 2.22
C SER A 254 -10.22 44.90 0.81
N ASP A 255 -9.60 43.73 0.71
CA ASP A 255 -9.21 43.14 -0.56
C ASP A 255 -9.60 41.66 -0.64
N GLY A 256 -9.72 41.16 -1.86
CA GLY A 256 -10.06 39.75 -2.08
C GLY A 256 -11.14 39.57 -3.15
N LEU A 257 -11.27 38.33 -3.63
CA LEU A 257 -12.26 37.98 -4.66
C LEU A 257 -13.69 38.08 -4.15
N CYS A 258 -13.86 37.92 -2.84
CA CYS A 258 -15.18 38.02 -2.21
C CYS A 258 -15.32 39.35 -1.44
N CYS A 259 -15.01 40.44 -2.14
CA CYS A 259 -15.09 41.79 -1.59
C CYS A 259 -15.32 42.76 -2.75
N LYS A 260 -16.55 43.25 -2.86
CA LYS A 260 -16.94 44.10 -3.99
C LYS A 260 -16.42 45.54 -3.87
N LYS A 261 -17.21 46.40 -3.24
CA LYS A 261 -16.84 47.80 -3.03
C LYS A 261 -15.91 47.89 -1.83
N CYS A 262 -16.46 47.58 -0.66
CA CYS A 262 -15.71 47.50 0.60
C CYS A 262 -16.42 46.52 1.53
N LYS A 263 -17.53 45.96 1.04
CA LYS A 263 -18.35 45.01 1.78
C LYS A 263 -18.22 43.61 1.20
N PHE A 264 -18.70 42.61 1.95
CA PHE A 264 -18.64 41.22 1.52
C PHE A 264 -19.53 40.93 0.30
N GLN A 265 -19.20 39.84 -0.40
CA GLN A 265 -19.98 39.38 -1.54
C GLN A 265 -20.98 38.34 -1.00
N PRO A 266 -22.27 38.44 -1.42
CA PRO A 266 -23.32 37.53 -0.95
C PRO A 266 -22.96 36.05 -1.06
N MET A 267 -23.36 35.27 -0.06
CA MET A 267 -23.07 33.84 -0.02
C MET A 267 -23.61 33.11 -1.24
N GLY A 268 -22.72 32.44 -1.96
CA GLY A 268 -23.09 31.70 -3.14
C GLY A 268 -22.69 32.35 -4.45
N THR A 269 -21.88 33.41 -4.36
CA THR A 269 -21.39 34.10 -5.55
C THR A 269 -20.15 33.37 -6.09
N VAL A 270 -20.21 33.00 -7.36
CA VAL A 270 -19.14 32.25 -8.02
C VAL A 270 -17.86 33.08 -8.08
N CYS A 271 -16.86 32.66 -7.30
CA CYS A 271 -15.56 33.33 -7.25
C CYS A 271 -14.50 32.59 -8.07
N ARG A 272 -14.67 31.29 -8.21
CA ARG A 272 -13.75 30.46 -9.01
C ARG A 272 -14.51 29.36 -9.74
N GLU A 273 -14.42 29.38 -11.07
CA GLU A 273 -15.07 28.39 -11.93
C GLU A 273 -14.18 27.15 -12.07
N ALA A 274 -14.80 26.02 -12.39
CA ALA A 274 -14.10 24.76 -12.60
C ALA A 274 -13.21 24.82 -13.85
N VAL A 275 -11.96 24.40 -13.69
CA VAL A 275 -10.99 24.42 -14.80
C VAL A 275 -11.19 23.25 -15.76
N ASN A 276 -11.66 22.13 -15.23
CA ASN A 276 -11.97 20.94 -16.02
C ASN A 276 -13.13 20.15 -15.38
N ASP A 277 -13.44 18.97 -15.93
CA ASP A 277 -14.52 18.15 -15.39
C ASP A 277 -14.12 17.33 -14.14
N CYS A 278 -12.88 17.54 -13.69
CA CYS A 278 -12.41 16.96 -12.42
C CYS A 278 -12.57 17.99 -11.30
N ASP A 279 -12.85 19.23 -11.69
CA ASP A 279 -12.88 20.36 -10.75
C ASP A 279 -14.28 20.71 -10.26
N ILE A 280 -14.34 21.30 -9.07
CA ILE A 280 -15.57 21.78 -8.47
C ILE A 280 -15.49 23.30 -8.33
N ARG A 281 -16.53 24.01 -8.78
CA ARG A 281 -16.59 25.47 -8.66
C ARG A 281 -16.64 25.92 -7.19
N GLU A 282 -16.08 27.10 -6.93
CA GLU A 282 -16.03 27.65 -5.59
C GLU A 282 -16.93 28.88 -5.47
N THR A 283 -17.67 28.95 -4.38
CA THR A 283 -18.57 30.08 -4.14
C THR A 283 -18.12 30.91 -2.94
N CYS A 284 -18.38 32.21 -2.99
CA CYS A 284 -18.08 33.12 -1.90
C CYS A 284 -18.91 32.74 -0.68
N SER A 285 -18.27 32.71 0.48
CA SER A 285 -18.90 32.31 1.73
C SER A 285 -19.88 33.35 2.27
N GLY A 286 -19.73 34.59 1.83
CA GLY A 286 -20.51 35.70 2.36
C GLY A 286 -20.00 36.09 3.75
N ASN A 287 -19.03 35.31 4.24
CA ASN A 287 -18.44 35.50 5.56
C ASN A 287 -16.97 35.89 5.47
N SER A 288 -16.30 35.45 4.41
CA SER A 288 -14.88 35.72 4.21
C SER A 288 -14.60 36.52 2.95
N SER A 289 -13.49 37.25 2.98
CA SER A 289 -13.04 38.05 1.83
C SER A 289 -12.34 37.16 0.80
N GLN A 290 -11.78 36.05 1.27
CA GLN A 290 -11.13 35.08 0.39
C GLN A 290 -12.14 34.16 -0.26
N CYS A 291 -11.85 33.73 -1.48
CA CYS A 291 -12.63 32.69 -2.16
C CYS A 291 -12.19 31.36 -1.54
N ALA A 292 -13.17 30.60 -1.05
CA ALA A 292 -12.95 29.34 -0.33
C ALA A 292 -11.85 28.44 -0.94
N PRO A 293 -11.03 27.81 -0.09
CA PRO A 293 -9.92 26.95 -0.53
C PRO A 293 -10.30 26.07 -1.73
N ASN A 294 -9.48 26.10 -2.77
CA ASN A 294 -9.74 25.37 -3.99
C ASN A 294 -9.77 23.87 -3.80
N ILE A 295 -10.94 23.27 -4.07
CA ILE A 295 -11.14 21.83 -3.96
C ILE A 295 -11.70 21.27 -5.25
N HIS A 296 -11.49 19.97 -5.47
CA HIS A 296 -11.97 19.29 -6.67
C HIS A 296 -12.55 17.92 -6.32
N LYS A 297 -13.06 17.21 -7.33
CA LYS A 297 -13.59 15.86 -7.15
C LYS A 297 -12.50 14.92 -6.65
N MET A 298 -12.88 13.98 -5.79
CA MET A 298 -11.94 12.99 -5.27
C MET A 298 -11.46 12.02 -6.35
N ASP A 299 -10.38 11.29 -6.07
CA ASP A 299 -9.79 10.36 -7.02
C ASP A 299 -10.70 9.17 -7.29
N GLY A 300 -11.13 9.04 -8.55
CA GLY A 300 -12.02 7.95 -8.93
C GLY A 300 -13.10 8.37 -9.92
N TYR A 301 -13.47 9.65 -9.87
CA TYR A 301 -14.45 10.21 -10.79
C TYR A 301 -13.93 10.17 -12.22
N SER A 302 -14.79 9.74 -13.14
CA SER A 302 -14.43 9.66 -14.54
C SER A 302 -14.44 11.04 -15.20
N CYS A 303 -13.50 11.25 -16.12
CA CYS A 303 -13.39 12.50 -16.86
C CYS A 303 -13.20 12.24 -18.36
N ASP A 304 -13.32 13.29 -19.17
CA ASP A 304 -13.27 13.20 -20.63
C ASP A 304 -14.29 12.23 -21.22
N GLY A 305 -15.35 11.95 -20.46
CA GLY A 305 -16.39 11.02 -20.87
C GLY A 305 -15.92 9.57 -20.88
N VAL A 306 -15.87 8.96 -19.70
CA VAL A 306 -15.45 7.56 -19.50
C VAL A 306 -14.03 7.23 -20.01
N GLN A 307 -13.40 8.19 -20.67
CA GLN A 307 -12.08 8.00 -21.26
C GLN A 307 -10.95 8.22 -20.26
N GLY A 308 -11.22 8.98 -19.21
CA GLY A 308 -10.23 9.28 -18.18
C GLY A 308 -10.77 9.14 -16.76
N ILE A 309 -9.86 9.18 -15.78
CA ILE A 309 -10.20 9.14 -14.37
C ILE A 309 -9.38 10.19 -13.60
N CYS A 310 -10.06 10.95 -12.75
CA CYS A 310 -9.43 12.04 -12.01
C CYS A 310 -8.46 11.56 -10.93
N PHE A 311 -7.28 12.17 -10.91
CA PHE A 311 -6.27 11.94 -9.88
C PHE A 311 -5.61 13.26 -9.54
N GLY A 312 -5.78 13.70 -8.28
CA GLY A 312 -5.22 14.97 -7.82
C GLY A 312 -5.76 16.18 -8.56
N GLY A 313 -6.97 16.04 -9.12
CA GLY A 313 -7.61 17.10 -9.87
C GLY A 313 -7.29 17.08 -11.35
N ARG A 314 -6.48 16.11 -11.77
CA ARG A 314 -6.06 15.98 -13.16
C ARG A 314 -6.61 14.71 -13.82
N CYS A 315 -6.93 14.83 -15.11
CA CYS A 315 -7.52 13.74 -15.86
C CYS A 315 -6.44 12.83 -16.47
N LYS A 316 -6.57 11.53 -16.27
CA LYS A 316 -5.61 10.56 -16.79
C LYS A 316 -6.16 9.74 -17.96
N THR A 317 -5.81 10.16 -19.17
CA THR A 317 -6.13 9.40 -20.38
C THR A 317 -4.83 9.06 -21.11
N ARG A 318 -4.89 8.12 -22.05
CA ARG A 318 -3.73 7.76 -22.87
C ARG A 318 -3.39 8.84 -23.87
N ASP A 319 -4.40 9.58 -24.33
CA ASP A 319 -4.20 10.67 -25.27
C ASP A 319 -3.48 11.85 -24.64
N ARG A 320 -3.81 12.13 -23.37
CA ARG A 320 -3.18 13.21 -22.61
C ARG A 320 -1.76 12.85 -22.21
N GLN A 321 -1.51 11.55 -22.00
CA GLN A 321 -0.18 11.05 -21.66
C GLN A 321 0.73 11.14 -22.89
N CYS A 322 0.18 10.86 -24.06
CA CYS A 322 0.92 10.98 -25.33
C CYS A 322 1.30 12.43 -25.62
N LYS A 323 0.42 13.36 -25.27
CA LYS A 323 0.66 14.79 -25.47
C LYS A 323 1.66 15.34 -24.45
N TYR A 324 1.60 14.81 -23.23
CA TYR A 324 2.48 15.23 -22.15
C TYR A 324 3.95 14.88 -22.43
N ILE A 325 4.17 13.76 -23.08
CA ILE A 325 5.51 13.30 -23.41
C ILE A 325 6.04 13.84 -24.74
N TRP A 326 5.18 13.81 -25.77
CA TRP A 326 5.63 14.09 -27.13
C TRP A 326 5.16 15.39 -27.79
N GLY A 327 4.17 16.04 -27.17
CA GLY A 327 3.68 17.31 -27.69
C GLY A 327 2.19 17.34 -27.98
N GLN A 328 1.64 18.55 -28.08
CA GLN A 328 0.21 18.77 -28.27
C GLN A 328 -0.33 18.27 -29.61
N LYS A 329 0.54 18.22 -30.62
CA LYS A 329 0.16 17.78 -31.96
C LYS A 329 0.01 16.25 -32.06
N VAL A 330 0.52 15.55 -31.05
CA VAL A 330 0.49 14.10 -31.00
C VAL A 330 -0.83 13.58 -30.40
N THR A 331 -1.33 12.49 -30.96
CA THR A 331 -2.54 11.83 -30.46
C THR A 331 -2.25 10.37 -30.13
N ALA A 332 -3.06 9.79 -29.24
CA ALA A 332 -2.95 8.38 -28.89
C ALA A 332 -3.40 7.51 -30.05
N SER A 333 -2.74 6.37 -30.23
CA SER A 333 -3.08 5.42 -31.28
C SER A 333 -4.45 4.79 -31.05
N ASP A 334 -4.99 4.18 -32.11
CA ASP A 334 -6.27 3.47 -32.03
C ASP A 334 -6.17 2.30 -31.05
N LYS A 335 -7.30 1.96 -30.43
CA LYS A 335 -7.37 0.85 -29.49
C LYS A 335 -6.88 -0.47 -30.11
N TYR A 336 -6.99 -0.56 -31.43
CA TYR A 336 -6.56 -1.74 -32.19
C TYR A 336 -5.04 -1.87 -32.23
N CYS A 337 -4.34 -0.74 -32.23
CA CYS A 337 -2.87 -0.72 -32.17
C CYS A 337 -2.38 -1.43 -30.91
N TYR A 338 -3.10 -1.20 -29.81
CA TYR A 338 -2.84 -1.86 -28.54
C TYR A 338 -3.21 -3.35 -28.61
N GLU A 339 -4.44 -3.62 -29.05
CA GLU A 339 -4.99 -4.98 -29.10
C GLU A 339 -4.21 -5.98 -29.93
N LYS A 340 -3.34 -5.49 -30.83
CA LYS A 340 -2.57 -6.37 -31.70
C LYS A 340 -1.08 -6.41 -31.43
N LEU A 341 -0.49 -5.26 -31.12
CA LEU A 341 0.95 -5.17 -30.91
C LEU A 341 1.42 -5.59 -29.52
N ASN A 342 0.61 -5.34 -28.51
CA ASN A 342 0.99 -5.62 -27.12
C ASN A 342 0.97 -7.10 -26.73
N ILE A 343 0.20 -7.91 -27.45
CA ILE A 343 0.15 -9.35 -27.21
C ILE A 343 1.33 -10.08 -27.88
N GLU A 344 2.01 -9.39 -28.79
CA GLU A 344 3.15 -9.96 -29.52
C GLU A 344 4.34 -10.24 -28.60
N GLY A 345 4.75 -9.23 -27.82
CA GLY A 345 5.89 -9.35 -26.93
C GLY A 345 7.19 -8.94 -27.59
N THR A 346 7.12 -7.89 -28.39
CA THR A 346 8.30 -7.36 -29.09
C THR A 346 8.67 -6.00 -28.51
N GLU A 347 9.66 -5.36 -29.14
CA GLU A 347 10.07 -4.00 -28.76
C GLU A 347 9.00 -3.01 -29.23
N LYS A 348 8.08 -3.49 -30.06
CA LYS A 348 7.05 -2.67 -30.68
C LYS A 348 5.71 -2.74 -29.95
N GLY A 349 5.63 -3.59 -28.93
CA GLY A 349 4.42 -3.76 -28.14
C GLY A 349 4.59 -4.85 -27.11
N ASN A 350 4.46 -4.48 -25.82
CA ASN A 350 4.70 -5.40 -24.71
C ASN A 350 4.10 -4.94 -23.39
N CYS A 351 4.17 -5.82 -22.37
CA CYS A 351 3.73 -5.50 -21.01
C CYS A 351 4.93 -5.29 -20.07
N GLY A 352 6.07 -4.95 -20.65
CA GLY A 352 7.29 -4.73 -19.88
C GLY A 352 8.47 -5.56 -20.36
N LYS A 353 9.54 -5.55 -19.58
CA LYS A 353 10.76 -6.29 -19.90
C LYS A 353 11.22 -7.08 -18.68
N ASP A 354 11.63 -8.33 -18.90
CA ASP A 354 12.08 -9.21 -17.82
C ASP A 354 13.60 -9.36 -17.81
N LYS A 355 14.09 -10.46 -18.36
CA LYS A 355 15.54 -10.72 -18.44
C LYS A 355 16.00 -10.50 -19.88
N ASP A 356 16.03 -9.22 -20.28
CA ASP A 356 16.36 -8.82 -21.65
C ASP A 356 15.39 -9.41 -22.69
N THR A 357 14.23 -9.86 -22.20
CA THR A 357 13.17 -10.42 -23.03
C THR A 357 11.85 -9.72 -22.70
N TRP A 358 11.19 -9.20 -23.72
CA TRP A 358 9.93 -8.47 -23.55
C TRP A 358 8.81 -9.39 -23.08
N ILE A 359 7.92 -8.84 -22.25
CA ILE A 359 6.76 -9.57 -21.75
C ILE A 359 5.55 -9.30 -22.65
N GLN A 360 4.92 -10.36 -23.14
CA GLN A 360 3.72 -10.20 -23.96
C GLN A 360 2.46 -10.07 -23.10
N CYS A 361 1.66 -9.03 -23.39
CA CYS A 361 0.46 -8.75 -22.64
C CYS A 361 -0.63 -9.81 -22.80
N ASN A 362 -1.39 -10.02 -21.73
CA ASN A 362 -2.59 -10.81 -21.78
C ASN A 362 -3.66 -9.95 -22.48
N LYS A 363 -4.64 -10.60 -23.12
CA LYS A 363 -5.70 -9.89 -23.85
C LYS A 363 -6.53 -8.97 -22.94
N ARG A 364 -6.52 -9.26 -21.64
CA ARG A 364 -7.21 -8.45 -20.63
C ARG A 364 -6.45 -7.15 -20.34
N ASP A 365 -5.12 -7.22 -20.30
CA ASP A 365 -4.28 -6.08 -19.92
C ASP A 365 -3.61 -5.43 -21.13
N VAL A 366 -4.35 -5.32 -22.23
CA VAL A 366 -3.78 -4.83 -23.48
C VAL A 366 -3.70 -3.31 -23.57
N LEU A 367 -4.50 -2.62 -22.74
CA LEU A 367 -4.49 -1.15 -22.70
C LEU A 367 -3.63 -0.61 -21.54
N CYS A 368 -2.93 -1.51 -20.85
CA CYS A 368 -2.12 -1.12 -19.69
C CYS A 368 -0.62 -1.34 -19.91
N GLY A 369 -0.25 -1.73 -21.12
CA GLY A 369 1.15 -2.02 -21.44
C GLY A 369 1.87 -0.85 -22.07
N TYR A 370 2.56 -1.12 -23.18
CA TYR A 370 3.34 -0.13 -23.91
C TYR A 370 2.46 0.98 -24.47
N LEU A 371 2.80 2.23 -24.14
CA LEU A 371 2.04 3.39 -24.61
C LEU A 371 2.28 3.59 -26.11
N LEU A 372 1.17 3.65 -26.85
CA LEU A 372 1.22 3.79 -28.29
C LEU A 372 0.54 5.08 -28.76
N CYS A 373 1.32 5.94 -29.40
CA CYS A 373 0.83 7.19 -29.95
C CYS A 373 0.94 7.15 -31.49
N THR A 374 0.34 8.11 -32.18
CA THR A 374 0.27 8.09 -33.64
C THR A 374 1.56 8.56 -34.33
N ASN A 375 1.61 9.84 -34.71
CA ASN A 375 2.78 10.42 -35.38
C ASN A 375 3.70 11.04 -34.34
N ILE A 376 4.64 10.23 -33.87
CA ILE A 376 5.50 10.59 -32.75
C ILE A 376 6.78 11.28 -33.20
N GLY A 377 7.36 12.10 -32.31
CA GLY A 377 8.63 12.74 -32.59
C GLY A 377 9.78 11.83 -32.19
N ASN A 378 10.96 12.41 -31.96
CA ASN A 378 12.10 11.65 -31.47
C ASN A 378 12.82 12.37 -30.33
N ILE A 379 12.15 13.39 -29.80
CA ILE A 379 12.66 14.16 -28.66
C ILE A 379 11.50 14.47 -27.70
N PRO A 380 11.45 13.76 -26.55
CA PRO A 380 10.38 14.00 -25.57
C PRO A 380 10.52 15.34 -24.87
N ARG A 381 9.40 15.89 -24.43
CA ARG A 381 9.36 17.18 -23.74
C ARG A 381 10.10 17.13 -22.40
N LEU A 382 10.09 15.95 -21.78
CA LEU A 382 10.78 15.73 -20.51
C LEU A 382 11.48 14.37 -20.52
N GLY A 383 12.39 14.17 -19.56
CA GLY A 383 13.08 12.90 -19.39
C GLY A 383 14.09 12.55 -20.47
N GLU A 384 14.48 11.28 -20.50
CA GLU A 384 15.48 10.79 -21.43
C GLU A 384 14.96 9.65 -22.31
N LEU A 385 15.02 9.86 -23.62
CA LEU A 385 14.67 8.81 -24.57
C LEU A 385 15.76 7.73 -24.54
N ASP A 386 15.35 6.52 -24.14
CA ASP A 386 16.28 5.41 -24.02
C ASP A 386 16.20 4.48 -25.23
N GLY A 387 16.85 4.88 -26.31
CA GLY A 387 16.88 4.09 -27.53
C GLY A 387 16.23 4.76 -28.73
N GLU A 388 15.54 3.95 -29.53
CA GLU A 388 14.92 4.42 -30.77
C GLU A 388 13.40 4.42 -30.67
N ILE A 389 12.77 5.05 -31.65
CA ILE A 389 11.31 5.13 -31.72
C ILE A 389 10.71 3.90 -32.39
N THR A 390 9.69 3.34 -31.75
CA THR A 390 8.91 2.23 -32.29
C THR A 390 7.88 2.78 -33.29
N SER A 391 7.70 2.07 -34.41
CA SER A 391 6.69 2.43 -35.40
C SER A 391 6.30 1.26 -36.31
N THR A 392 5.23 0.57 -35.94
CA THR A 392 4.67 -0.51 -36.75
C THR A 392 3.46 0.02 -37.51
N LEU A 393 2.98 -0.74 -38.48
CA LEU A 393 1.82 -0.34 -39.28
C LEU A 393 0.84 -1.50 -39.44
N VAL A 394 -0.36 -1.35 -38.89
CA VAL A 394 -1.40 -2.38 -38.98
C VAL A 394 -2.59 -1.94 -39.81
N VAL A 395 -3.11 -2.86 -40.62
CA VAL A 395 -4.27 -2.61 -41.46
C VAL A 395 -5.56 -3.05 -40.76
N GLN A 396 -6.61 -2.26 -40.95
CA GLN A 396 -7.92 -2.59 -40.39
C GLN A 396 -9.01 -2.45 -41.44
N GLN A 397 -9.13 -3.49 -42.29
CA GLN A 397 -10.12 -3.60 -43.36
C GLN A 397 -10.38 -2.35 -44.21
N GLY A 398 -9.38 -1.46 -44.26
CA GLY A 398 -9.50 -0.21 -45.01
C GLY A 398 -8.80 0.96 -44.35
N ARG A 399 -8.44 0.79 -43.08
CA ARG A 399 -7.74 1.83 -42.33
C ARG A 399 -6.35 1.37 -41.87
N THR A 400 -5.31 1.96 -42.46
CA THR A 400 -3.93 1.66 -42.08
C THR A 400 -3.56 2.58 -40.91
N LEU A 401 -3.26 1.96 -39.77
CA LEU A 401 -2.99 2.71 -38.53
C LEU A 401 -1.50 2.76 -38.21
N ASN A 402 -1.05 3.93 -37.76
CA ASN A 402 0.34 4.14 -37.38
C ASN A 402 0.49 4.12 -35.85
N CYS A 403 1.13 3.07 -35.34
CA CYS A 403 1.33 2.91 -33.91
C CYS A 403 2.80 3.13 -33.56
N SER A 404 3.06 4.12 -32.72
CA SER A 404 4.43 4.50 -32.36
C SER A 404 4.65 4.59 -30.86
N GLY A 405 5.89 4.41 -30.43
CA GLY A 405 6.24 4.47 -29.02
C GLY A 405 7.64 4.98 -28.74
N GLY A 406 8.05 4.89 -27.48
CA GLY A 406 9.36 5.34 -27.04
C GLY A 406 9.54 5.16 -25.54
N HIS A 407 10.78 4.92 -25.12
CA HIS A 407 11.09 4.72 -23.70
C HIS A 407 11.70 5.97 -23.08
N VAL A 408 10.86 6.73 -22.37
CA VAL A 408 11.29 7.97 -21.74
C VAL A 408 11.49 7.77 -20.24
N LYS A 409 12.74 7.97 -19.81
CA LYS A 409 13.13 7.74 -18.42
C LYS A 409 13.25 9.03 -17.63
N LEU A 410 12.73 9.03 -16.41
CA LEU A 410 12.91 10.12 -15.46
C LEU A 410 13.76 9.60 -14.31
N GLU A 411 13.17 8.69 -13.53
CA GLU A 411 13.89 7.97 -12.49
C GLU A 411 14.42 6.67 -13.14
N GLU A 412 15.43 6.06 -12.51
CA GLU A 412 15.95 4.77 -12.96
C GLU A 412 14.89 3.68 -12.79
N ASP A 413 13.86 4.00 -12.00
CA ASP A 413 12.74 3.10 -11.75
C ASP A 413 11.53 3.48 -12.60
N VAL A 414 11.20 4.76 -12.63
CA VAL A 414 10.02 5.27 -13.34
C VAL A 414 10.28 5.43 -14.84
N ASP A 415 9.42 4.79 -15.64
CA ASP A 415 9.53 4.87 -17.09
C ASP A 415 8.23 5.28 -17.77
N LEU A 416 8.26 6.45 -18.42
CA LEU A 416 7.15 6.91 -19.25
C LEU A 416 7.30 6.20 -20.61
N GLY A 417 6.18 5.77 -21.17
CA GLY A 417 6.20 4.94 -22.37
C GLY A 417 5.38 3.69 -22.11
N TYR A 418 5.00 3.51 -20.86
CA TYR A 418 4.04 2.49 -20.45
C TYR A 418 2.86 3.22 -19.83
N VAL A 419 1.65 2.66 -20.03
CA VAL A 419 0.42 3.29 -19.56
C VAL A 419 0.44 3.55 -18.06
N GLU A 420 0.32 4.82 -17.72
CA GLU A 420 0.35 5.32 -16.34
C GLU A 420 -0.75 4.68 -15.49
N ASP A 421 -0.40 4.33 -14.25
CA ASP A 421 -1.34 3.71 -13.31
C ASP A 421 -2.54 4.61 -13.01
N GLY A 422 -3.74 4.02 -13.09
CA GLY A 422 -4.97 4.76 -12.81
C GLY A 422 -5.79 5.08 -14.05
N THR A 423 -5.18 4.88 -15.22
CA THR A 423 -5.84 5.13 -16.51
C THR A 423 -6.90 4.05 -16.78
N PRO A 424 -8.09 4.47 -17.24
CA PRO A 424 -9.18 3.53 -17.54
C PRO A 424 -8.79 2.52 -18.62
N CYS A 425 -9.11 1.25 -18.36
CA CYS A 425 -8.90 0.17 -19.34
C CYS A 425 -10.23 -0.54 -19.64
N GLY A 426 -11.32 0.08 -19.19
CA GLY A 426 -12.66 -0.46 -19.38
C GLY A 426 -13.62 0.08 -18.35
N PRO A 427 -14.87 -0.41 -18.35
CA PRO A 427 -15.89 0.04 -17.38
C PRO A 427 -15.54 -0.40 -15.96
N GLN A 428 -15.38 0.58 -15.07
CA GLN A 428 -15.02 0.34 -13.67
C GLN A 428 -13.69 -0.39 -13.49
N MET A 429 -12.79 -0.21 -14.46
CA MET A 429 -11.49 -0.87 -14.44
C MET A 429 -10.34 0.08 -14.79
N MET A 430 -9.25 -0.03 -14.03
CA MET A 430 -8.08 0.85 -14.21
C MET A 430 -6.77 0.06 -14.33
N CYS A 431 -5.73 0.74 -14.79
CA CYS A 431 -4.41 0.13 -14.92
C CYS A 431 -3.61 0.26 -13.62
N LEU A 432 -2.96 -0.83 -13.23
CA LEU A 432 -2.09 -0.84 -12.05
C LEU A 432 -1.00 -1.88 -12.28
N GLU A 433 0.25 -1.42 -12.36
CA GLU A 433 1.41 -2.27 -12.61
C GLU A 433 1.22 -3.11 -13.88
N HIS A 434 0.85 -2.42 -14.97
CA HIS A 434 0.62 -3.03 -16.29
C HIS A 434 -0.51 -4.06 -16.31
N ARG A 435 -1.46 -3.92 -15.40
CA ARG A 435 -2.60 -4.83 -15.30
C ARG A 435 -3.92 -4.09 -15.20
N CYS A 436 -4.91 -4.58 -15.95
CA CYS A 436 -6.25 -4.01 -15.92
C CYS A 436 -7.05 -4.62 -14.76
N LEU A 437 -7.20 -3.84 -13.69
CA LEU A 437 -7.85 -4.29 -12.47
C LEU A 437 -9.12 -3.50 -12.18
N PRO A 438 -10.06 -4.09 -11.41
CA PRO A 438 -11.30 -3.41 -11.03
C PRO A 438 -11.00 -2.22 -10.09
N VAL A 439 -11.94 -1.27 -10.02
CA VAL A 439 -11.80 -0.07 -9.19
C VAL A 439 -11.54 -0.37 -7.70
N ALA A 440 -11.99 -1.54 -7.26
CA ALA A 440 -11.85 -1.97 -5.87
C ALA A 440 -10.38 -2.21 -5.46
N SER A 441 -9.56 -2.60 -6.44
CA SER A 441 -8.14 -2.87 -6.22
C SER A 441 -7.33 -1.61 -5.90
N PHE A 442 -8.01 -0.47 -5.84
CA PHE A 442 -7.39 0.81 -5.52
C PHE A 442 -7.79 1.28 -4.12
N ASN A 443 -8.85 0.66 -3.60
CA ASN A 443 -9.39 0.97 -2.26
C ASN A 443 -9.49 2.48 -1.99
N PHE A 444 -10.28 3.17 -2.81
CA PHE A 444 -10.51 4.60 -2.63
C PHE A 444 -11.32 4.87 -1.36
N SER A 445 -10.94 5.93 -0.66
CA SER A 445 -11.70 6.39 0.50
C SER A 445 -12.98 7.08 -0.01
N THR A 446 -13.98 7.23 0.87
CA THR A 446 -15.26 7.81 0.46
C THR A 446 -15.81 8.80 1.47
N CYS A 447 -16.71 9.65 0.99
CA CYS A 447 -17.46 10.58 1.81
C CYS A 447 -18.62 9.85 2.51
N LEU A 448 -19.31 10.54 3.42
CA LEU A 448 -20.45 9.98 4.13
C LEU A 448 -21.69 9.92 3.23
N SER A 449 -22.43 8.82 3.33
CA SER A 449 -23.66 8.63 2.55
C SER A 449 -24.71 7.86 3.34
N SER A 450 -25.93 8.36 3.32
CA SER A 450 -27.04 7.76 4.06
C SER A 450 -28.06 7.07 3.15
N LYS A 451 -27.66 6.81 1.91
CA LYS A 451 -28.49 6.09 0.95
C LYS A 451 -27.67 4.97 0.29
N GLU A 452 -28.28 3.79 0.19
CA GLU A 452 -27.61 2.60 -0.34
C GLU A 452 -27.18 2.74 -1.80
N GLY A 453 -25.88 2.63 -2.03
CA GLY A 453 -25.31 2.69 -3.37
C GLY A 453 -25.28 4.08 -4.00
N THR A 454 -25.07 5.11 -3.18
CA THR A 454 -25.00 6.49 -3.64
C THR A 454 -23.79 7.21 -3.03
N ILE A 455 -23.32 8.24 -3.74
CA ILE A 455 -22.26 9.10 -3.23
C ILE A 455 -22.90 10.37 -2.65
N CYS A 456 -22.63 10.64 -1.37
CA CYS A 456 -23.22 11.78 -0.65
C CYS A 456 -24.74 11.76 -0.67
N SER A 457 -25.31 10.61 -0.31
CA SER A 457 -26.77 10.37 -0.30
C SER A 457 -27.45 10.64 -1.65
N GLY A 458 -26.62 10.78 -2.70
CA GLY A 458 -27.11 11.06 -4.04
C GLY A 458 -27.42 12.52 -4.30
N ASN A 459 -26.94 13.39 -3.41
CA ASN A 459 -27.21 14.83 -3.51
C ASN A 459 -25.96 15.70 -3.35
N GLY A 460 -24.80 15.14 -3.72
CA GLY A 460 -23.55 15.87 -3.60
C GLY A 460 -22.34 15.20 -4.23
N VAL A 461 -21.23 15.92 -4.26
CA VAL A 461 -19.97 15.43 -4.82
C VAL A 461 -18.93 15.28 -3.71
N CYS A 462 -18.21 14.16 -3.75
CA CYS A 462 -17.14 13.90 -2.77
C CYS A 462 -15.86 14.62 -3.17
N SER A 463 -15.45 15.58 -2.35
CA SER A 463 -14.24 16.38 -2.60
C SER A 463 -12.97 15.61 -2.27
N ASN A 464 -11.83 16.17 -2.66
CA ASN A 464 -10.53 15.56 -2.36
C ASN A 464 -10.20 15.62 -0.86
N GLU A 465 -10.91 16.49 -0.15
CA GLU A 465 -10.80 16.59 1.31
C GLU A 465 -11.69 15.54 1.99
N LEU A 466 -12.36 14.72 1.17
CA LEU A 466 -13.31 13.71 1.62
C LEU A 466 -14.48 14.31 2.38
N LYS A 467 -15.01 15.40 1.83
CA LYS A 467 -16.19 16.08 2.36
C LYS A 467 -17.25 16.21 1.28
N CYS A 468 -18.51 16.15 1.68
CA CYS A 468 -19.62 16.25 0.74
C CYS A 468 -19.96 17.69 0.39
N VAL A 469 -19.81 18.02 -0.89
CA VAL A 469 -20.21 19.33 -1.42
C VAL A 469 -21.62 19.15 -2.00
N CYS A 470 -22.61 19.54 -1.22
CA CYS A 470 -24.01 19.32 -1.56
C CYS A 470 -24.52 20.20 -2.69
N ASN A 471 -25.54 19.70 -3.39
CA ASN A 471 -26.25 20.48 -4.39
C ASN A 471 -27.13 21.53 -3.69
N ARG A 472 -27.82 22.35 -4.47
CA ARG A 472 -28.71 23.37 -3.91
C ARG A 472 -29.81 22.71 -3.06
N HIS A 473 -30.18 23.37 -1.97
CA HIS A 473 -31.27 22.94 -1.07
C HIS A 473 -30.98 21.70 -0.21
N TRP A 474 -29.80 21.12 -0.36
CA TRP A 474 -29.41 19.97 0.44
C TRP A 474 -28.32 20.34 1.46
N ILE A 475 -28.50 19.91 2.70
CA ILE A 475 -27.54 20.19 3.77
C ILE A 475 -27.11 18.93 4.51
N GLY A 476 -26.08 19.07 5.36
CA GLY A 476 -25.56 17.95 6.13
C GLY A 476 -24.23 17.47 5.62
N SER A 477 -23.47 16.79 6.48
CA SER A 477 -22.17 16.23 6.13
C SER A 477 -22.31 15.05 5.14
N ASP A 478 -23.55 14.59 4.95
CA ASP A 478 -23.86 13.50 4.03
C ASP A 478 -24.80 13.94 2.90
N CYS A 479 -25.21 15.20 2.92
CA CYS A 479 -26.18 15.78 1.97
C CYS A 479 -27.51 15.01 1.95
N ASN A 480 -27.95 14.58 3.13
CA ASN A 480 -29.14 13.77 3.25
C ASN A 480 -30.41 14.54 3.63
N THR A 481 -30.22 15.75 4.18
CA THR A 481 -31.33 16.57 4.64
C THR A 481 -31.72 17.64 3.63
N TYR A 482 -32.99 17.67 3.28
CA TYR A 482 -33.53 18.67 2.33
C TYR A 482 -33.92 19.93 3.10
N PHE A 483 -33.29 21.05 2.75
CA PHE A 483 -33.46 22.32 3.44
C PHE A 483 -33.39 23.47 2.42
N PRO A 484 -34.53 23.80 1.79
CA PRO A 484 -34.53 24.89 0.81
C PRO A 484 -34.51 26.27 1.47
N HIS A 485 -33.99 27.27 0.75
CA HIS A 485 -33.83 28.62 1.30
C HIS A 485 -34.25 29.77 0.37
N ASN A 486 -34.56 29.43 -0.88
CA ASN A 486 -34.90 30.41 -1.94
C ASN A 486 -33.65 31.13 -2.46
N ASN B 1 -8.22 -29.13 24.12
CA ASN B 1 -7.56 -27.82 23.92
C ASN B 1 -7.80 -27.25 22.51
N VAL B 2 -6.73 -26.78 21.87
CA VAL B 2 -6.81 -26.23 20.52
C VAL B 2 -6.27 -27.22 19.47
N GLU B 3 -5.39 -28.11 19.92
CA GLU B 3 -4.82 -29.14 19.05
C GLU B 3 -5.58 -30.46 19.12
N GLU B 4 -6.61 -30.50 19.99
CA GLU B 4 -7.49 -31.66 20.12
C GLU B 4 -8.75 -31.47 19.27
N GLU B 5 -9.08 -30.22 18.97
CA GLU B 5 -10.23 -29.89 18.14
C GLU B 5 -10.02 -30.30 16.69
N THR B 6 -11.12 -30.54 15.97
CA THR B 6 -11.07 -30.84 14.55
C THR B 6 -10.98 -29.52 13.79
N LYS B 7 -10.01 -29.44 12.87
CA LYS B 7 -9.81 -28.25 12.05
C LYS B 7 -10.45 -28.42 10.67
N TYR B 8 -10.83 -27.31 10.05
CA TYR B 8 -11.52 -27.34 8.76
C TYR B 8 -10.96 -26.31 7.79
N ILE B 9 -10.32 -26.79 6.73
CA ILE B 9 -9.77 -25.91 5.71
C ILE B 9 -10.78 -25.72 4.57
N GLU B 10 -11.43 -24.56 4.58
CA GLU B 10 -12.36 -24.18 3.51
C GLU B 10 -11.52 -23.82 2.29
N LEU B 11 -11.59 -24.69 1.29
CA LEU B 11 -10.70 -24.58 0.14
C LEU B 11 -11.38 -24.22 -1.18
N MET B 12 -10.75 -23.32 -1.91
CA MET B 12 -11.18 -22.99 -3.27
C MET B 12 -10.10 -23.45 -4.26
N ILE B 13 -10.54 -24.04 -5.37
CA ILE B 13 -9.62 -24.51 -6.41
C ILE B 13 -9.87 -23.78 -7.72
N VAL B 14 -8.77 -23.35 -8.36
CA VAL B 14 -8.85 -22.72 -9.67
C VAL B 14 -8.13 -23.59 -10.71
N ASN B 15 -8.87 -24.02 -11.73
CA ASN B 15 -8.30 -24.80 -12.81
C ASN B 15 -7.98 -23.88 -14.00
N ASP B 16 -6.73 -23.93 -14.46
CA ASP B 16 -6.31 -23.12 -15.60
C ASP B 16 -6.74 -23.78 -16.93
N HIS B 17 -6.44 -23.10 -18.04
CA HIS B 17 -6.88 -23.56 -19.36
C HIS B 17 -6.25 -24.88 -19.80
N LEU B 18 -5.00 -25.10 -19.43
CA LEU B 18 -4.30 -26.35 -19.74
C LEU B 18 -4.83 -27.54 -18.94
N MET B 19 -5.34 -27.26 -17.75
CA MET B 19 -6.01 -28.26 -16.92
C MET B 19 -7.36 -28.62 -17.55
N PHE B 20 -8.01 -27.63 -18.16
CA PHE B 20 -9.29 -27.78 -18.83
C PHE B 20 -9.16 -28.59 -20.11
N LYS B 21 -8.04 -28.42 -20.81
CA LYS B 21 -7.74 -29.15 -22.03
C LYS B 21 -7.37 -30.61 -21.74
N LYS B 22 -6.84 -30.85 -20.55
CA LYS B 22 -6.46 -32.20 -20.10
C LYS B 22 -7.68 -33.10 -19.89
N HIS B 23 -8.87 -32.50 -19.92
CA HIS B 23 -10.10 -33.25 -19.72
C HIS B 23 -11.13 -33.00 -20.84
N ARG B 24 -10.64 -33.03 -22.07
CA ARG B 24 -11.45 -32.94 -23.29
C ARG B 24 -12.43 -31.76 -23.35
N LEU B 25 -11.95 -30.59 -22.91
CA LEU B 25 -12.74 -29.36 -22.89
C LEU B 25 -14.08 -29.54 -22.18
N SER B 26 -14.09 -30.33 -21.12
CA SER B 26 -15.29 -30.63 -20.35
C SER B 26 -15.22 -30.04 -18.96
N VAL B 27 -16.20 -29.21 -18.61
CA VAL B 27 -16.26 -28.54 -17.32
C VAL B 27 -16.62 -29.52 -16.20
N VAL B 28 -17.56 -30.42 -16.49
CA VAL B 28 -18.03 -31.42 -15.53
C VAL B 28 -16.93 -32.42 -15.15
N HIS B 29 -16.10 -32.78 -16.14
CA HIS B 29 -14.98 -33.70 -15.93
C HIS B 29 -13.91 -33.09 -15.02
N THR B 30 -13.47 -31.88 -15.36
CA THR B 30 -12.44 -31.16 -14.61
C THR B 30 -12.82 -30.94 -13.14
N ASN B 31 -14.06 -30.51 -12.92
CA ASN B 31 -14.55 -30.22 -11.58
C ASN B 31 -14.68 -31.46 -10.70
N THR B 32 -15.19 -32.55 -11.28
CA THR B 32 -15.31 -33.81 -10.57
C THR B 32 -13.94 -34.47 -10.37
N TYR B 33 -13.03 -34.23 -11.31
CA TYR B 33 -11.65 -34.72 -11.22
C TYR B 33 -10.90 -34.02 -10.08
N ALA B 34 -11.14 -32.72 -9.93
CA ALA B 34 -10.51 -31.93 -8.88
C ALA B 34 -11.09 -32.24 -7.51
N LYS B 35 -12.37 -32.62 -7.47
CA LYS B 35 -13.01 -33.05 -6.22
C LYS B 35 -12.37 -34.33 -5.70
N SER B 36 -11.96 -35.20 -6.63
CA SER B 36 -11.28 -36.46 -6.30
C SER B 36 -9.91 -36.22 -5.65
N VAL B 37 -9.18 -35.24 -6.19
CA VAL B 37 -7.87 -34.85 -5.66
C VAL B 37 -8.01 -34.30 -4.25
N VAL B 38 -9.02 -33.44 -4.05
CA VAL B 38 -9.32 -32.85 -2.75
C VAL B 38 -9.80 -33.91 -1.76
N ASN B 39 -10.65 -34.83 -2.24
CA ASN B 39 -11.19 -35.92 -1.43
C ASN B 39 -10.11 -36.85 -0.86
N MET B 40 -9.12 -37.17 -1.69
CA MET B 40 -8.00 -38.03 -1.30
C MET B 40 -7.04 -37.31 -0.37
N ALA B 41 -6.86 -36.01 -0.59
CA ALA B 41 -6.05 -35.15 0.26
C ALA B 41 -6.72 -34.97 1.63
N ASP B 42 -8.07 -34.99 1.63
CA ASP B 42 -8.84 -34.92 2.86
C ASP B 42 -8.58 -36.17 3.71
N LEU B 43 -8.67 -37.35 3.09
CA LEU B 43 -8.45 -38.63 3.76
C LEU B 43 -7.09 -38.71 4.47
N ILE B 44 -6.08 -38.09 3.87
CA ILE B 44 -4.74 -38.01 4.45
C ILE B 44 -4.77 -37.11 5.70
N TYR B 45 -5.43 -35.96 5.56
CA TYR B 45 -5.54 -34.98 6.63
C TYR B 45 -6.50 -35.41 7.74
N LYS B 46 -7.58 -36.08 7.35
CA LYS B 46 -8.66 -36.49 8.26
C LYS B 46 -8.18 -37.19 9.53
N ASP B 47 -7.27 -38.14 9.36
CA ASP B 47 -6.78 -38.95 10.46
C ASP B 47 -5.55 -38.36 11.16
N GLN B 48 -4.50 -38.12 10.39
CA GLN B 48 -3.20 -37.72 10.93
C GLN B 48 -3.15 -36.35 11.59
N LEU B 49 -3.72 -35.35 10.92
CA LEU B 49 -3.67 -33.97 11.41
C LEU B 49 -4.93 -33.53 12.14
N LYS B 50 -5.91 -34.43 12.23
CA LYS B 50 -7.22 -34.13 12.83
C LYS B 50 -7.83 -32.90 12.16
N THR B 51 -7.66 -32.82 10.85
CA THR B 51 -8.07 -31.68 10.04
C THR B 51 -8.78 -32.15 8.78
N ARG B 52 -9.80 -31.42 8.36
CA ARG B 52 -10.58 -31.78 7.18
C ARG B 52 -10.40 -30.79 6.05
N ILE B 53 -10.35 -31.29 4.82
CA ILE B 53 -10.22 -30.44 3.63
C ILE B 53 -11.58 -30.34 2.94
N VAL B 54 -12.24 -29.20 3.15
CA VAL B 54 -13.57 -28.98 2.59
C VAL B 54 -13.52 -28.04 1.40
N LEU B 55 -13.94 -28.55 0.24
CA LEU B 55 -14.03 -27.74 -0.97
C LEU B 55 -15.28 -26.89 -0.91
N VAL B 56 -15.10 -25.58 -0.85
CA VAL B 56 -16.22 -24.65 -0.72
C VAL B 56 -16.55 -23.89 -2.01
N ALA B 57 -15.55 -23.74 -2.88
CA ALA B 57 -15.73 -23.05 -4.16
C ALA B 57 -14.75 -23.55 -5.21
N MET B 58 -15.08 -23.31 -6.49
CA MET B 58 -14.22 -23.70 -7.61
C MET B 58 -14.58 -22.95 -8.89
N GLU B 59 -13.55 -22.60 -9.66
CA GLU B 59 -13.73 -22.01 -10.98
C GLU B 59 -12.73 -22.63 -11.98
N THR B 60 -13.15 -22.73 -13.24
CA THR B 60 -12.33 -23.31 -14.29
C THR B 60 -12.22 -22.37 -15.48
N TRP B 61 -11.00 -22.10 -15.91
CA TRP B 61 -10.74 -21.20 -17.04
C TRP B 61 -10.95 -21.94 -18.35
N ALA B 62 -12.20 -21.96 -18.80
CA ALA B 62 -12.60 -22.71 -19.99
C ALA B 62 -12.12 -22.11 -21.30
N THR B 63 -11.93 -20.80 -21.33
CA THR B 63 -11.54 -20.10 -22.54
C THR B 63 -10.03 -19.89 -22.67
N ASP B 64 -9.42 -19.31 -21.65
CA ASP B 64 -7.98 -19.01 -21.63
C ASP B 64 -7.49 -18.64 -20.24
N ASN B 65 -6.18 -18.45 -20.12
CA ASN B 65 -5.56 -18.06 -18.85
C ASN B 65 -5.66 -16.55 -18.60
N LYS B 66 -5.95 -16.20 -17.34
CA LYS B 66 -6.10 -14.80 -16.94
C LYS B 66 -4.74 -14.12 -16.80
N PHE B 67 -3.72 -14.91 -16.47
CA PHE B 67 -2.34 -14.42 -16.40
C PHE B 67 -1.38 -15.47 -16.96
N ALA B 68 -0.15 -15.06 -17.25
CA ALA B 68 0.87 -15.94 -17.79
C ALA B 68 1.38 -16.94 -16.74
N ILE B 69 1.05 -18.21 -16.96
CA ILE B 69 1.49 -19.29 -16.07
C ILE B 69 2.98 -19.58 -16.33
N SER B 70 3.77 -19.59 -15.26
CA SER B 70 5.22 -19.73 -15.37
C SER B 70 5.74 -21.12 -15.03
N GLU B 71 6.86 -21.48 -15.65
CA GLU B 71 7.55 -22.75 -15.40
C GLU B 71 8.15 -22.78 -13.99
N ASN B 72 8.44 -21.61 -13.45
CA ASN B 72 8.88 -21.45 -12.07
C ASN B 72 7.64 -21.44 -11.17
N PRO B 73 7.55 -22.39 -10.22
CA PRO B 73 6.41 -22.49 -9.31
C PRO B 73 6.20 -21.26 -8.42
N LEU B 74 7.30 -20.62 -8.02
CA LEU B 74 7.22 -19.44 -7.15
C LEU B 74 6.72 -18.20 -7.87
N ILE B 75 7.14 -18.03 -9.13
CA ILE B 75 6.68 -16.91 -9.97
C ILE B 75 5.18 -17.05 -10.23
N THR B 76 4.75 -18.26 -10.53
CA THR B 76 3.33 -18.57 -10.75
C THR B 76 2.51 -18.32 -9.48
N LEU B 77 3.04 -18.78 -8.35
CA LEU B 77 2.40 -18.61 -7.04
C LEU B 77 2.15 -17.13 -6.71
N ARG B 78 3.17 -16.31 -6.95
CA ARG B 78 3.09 -14.87 -6.67
C ARG B 78 2.08 -14.16 -7.57
N GLU B 79 2.05 -14.52 -8.85
CA GLU B 79 1.11 -13.95 -9.81
C GLU B 79 -0.32 -14.44 -9.58
N PHE B 80 -0.44 -15.65 -9.04
CA PHE B 80 -1.75 -16.24 -8.74
C PHE B 80 -2.43 -15.57 -7.56
N MET B 81 -1.64 -15.21 -6.56
CA MET B 81 -2.15 -14.52 -5.37
C MET B 81 -2.54 -13.07 -5.69
N LYS B 82 -1.90 -12.52 -6.73
CA LYS B 82 -2.27 -11.20 -7.26
C LYS B 82 -3.63 -11.29 -7.92
N TYR B 83 -3.86 -12.38 -8.66
CA TYR B 83 -5.14 -12.62 -9.32
C TYR B 83 -6.27 -12.80 -8.32
N ARG B 84 -6.01 -13.59 -7.27
CA ARG B 84 -7.04 -13.89 -6.26
C ARG B 84 -7.38 -12.68 -5.39
N ARG B 85 -6.41 -11.79 -5.20
CA ARG B 85 -6.60 -10.58 -4.43
C ARG B 85 -7.51 -9.60 -5.18
N ASP B 86 -7.33 -9.54 -6.50
CA ASP B 86 -8.02 -8.57 -7.33
C ASP B 86 -9.33 -9.06 -7.97
N PHE B 87 -9.47 -10.37 -8.12
CA PHE B 87 -10.62 -10.93 -8.84
C PHE B 87 -11.48 -11.92 -8.06
N ILE B 88 -10.84 -12.79 -7.28
CA ILE B 88 -11.57 -13.79 -6.49
C ILE B 88 -12.30 -13.13 -5.31
N LYS B 89 -13.63 -13.22 -5.33
CA LYS B 89 -14.46 -12.61 -4.30
C LYS B 89 -15.30 -13.60 -3.50
N GLU B 90 -14.93 -14.88 -3.57
CA GLU B 90 -15.53 -15.91 -2.73
C GLU B 90 -14.69 -16.14 -1.47
N LYS B 91 -15.37 -16.54 -0.38
CA LYS B 91 -14.72 -16.71 0.92
C LYS B 91 -14.13 -18.10 1.09
N SER B 92 -12.83 -18.14 1.43
CA SER B 92 -12.11 -19.38 1.63
C SER B 92 -10.89 -19.19 2.53
N ASP B 93 -10.49 -20.26 3.20
CA ASP B 93 -9.29 -20.25 4.04
C ASP B 93 -8.03 -20.31 3.18
N ALA B 94 -8.11 -21.00 2.04
CA ALA B 94 -6.99 -21.12 1.10
C ALA B 94 -7.48 -21.26 -0.34
N VAL B 95 -6.74 -20.65 -1.27
CA VAL B 95 -7.05 -20.73 -2.69
C VAL B 95 -5.87 -21.35 -3.44
N HIS B 96 -6.11 -22.50 -4.07
CA HIS B 96 -5.04 -23.21 -4.79
C HIS B 96 -5.28 -23.33 -6.29
N LEU B 97 -4.21 -23.21 -7.06
CA LEU B 97 -4.26 -23.33 -8.51
C LEU B 97 -3.92 -24.76 -8.96
N PHE B 98 -4.76 -25.28 -9.85
CA PHE B 98 -4.53 -26.58 -10.47
C PHE B 98 -4.07 -26.35 -11.91
N SER B 99 -2.75 -26.37 -12.11
CA SER B 99 -2.17 -26.12 -13.44
C SER B 99 -1.99 -27.39 -14.25
N GLY B 100 -2.41 -27.33 -15.51
CA GLY B 100 -2.27 -28.45 -16.43
C GLY B 100 -0.86 -28.64 -16.93
N SER B 101 -0.06 -27.57 -16.86
CA SER B 101 1.35 -27.60 -17.27
C SER B 101 2.23 -28.23 -16.20
N GLN B 102 3.54 -28.23 -16.46
CA GLN B 102 4.50 -28.84 -15.53
C GLN B 102 5.63 -27.87 -15.19
N PHE B 103 6.00 -27.84 -13.92
CA PHE B 103 7.10 -26.98 -13.44
C PHE B 103 8.46 -27.59 -13.73
N GLU B 104 9.50 -26.76 -13.65
CA GLU B 104 10.87 -27.18 -13.98
C GLU B 104 11.48 -28.15 -12.96
N SER B 105 11.59 -27.70 -11.72
CA SER B 105 12.17 -28.49 -10.64
C SER B 105 11.24 -29.62 -10.19
N SER B 106 11.82 -30.62 -9.52
CA SER B 106 11.06 -31.75 -8.99
C SER B 106 9.98 -31.32 -8.00
N ARG B 107 10.08 -30.07 -7.53
CA ARG B 107 9.04 -29.44 -6.71
C ARG B 107 7.77 -29.30 -7.55
N SER B 108 6.78 -30.13 -7.23
CA SER B 108 5.52 -30.18 -7.95
C SER B 108 4.56 -29.03 -7.56
N GLY B 109 5.00 -28.20 -6.62
CA GLY B 109 4.19 -27.07 -6.18
C GLY B 109 4.91 -26.09 -5.26
N ALA B 110 4.28 -24.95 -5.05
CA ALA B 110 4.81 -23.91 -4.16
C ALA B 110 3.67 -23.23 -3.40
N ALA B 111 3.83 -23.12 -2.09
CA ALA B 111 2.84 -22.48 -1.23
C ALA B 111 3.53 -21.75 -0.08
N TYR B 112 2.93 -20.65 0.38
CA TYR B 112 3.51 -19.82 1.42
C TYR B 112 3.47 -20.48 2.79
N ILE B 113 4.61 -20.45 3.48
CA ILE B 113 4.75 -21.04 4.81
C ILE B 113 3.94 -20.23 5.83
N GLY B 114 2.98 -20.89 6.48
CA GLY B 114 2.08 -20.24 7.45
C GLY B 114 1.19 -19.23 6.76
N GLY B 115 0.63 -19.62 5.62
CA GLY B 115 -0.11 -18.70 4.76
C GLY B 115 -1.60 -18.62 4.95
N ILE B 116 -2.21 -19.67 5.52
CA ILE B 116 -3.67 -19.73 5.70
C ILE B 116 -4.26 -18.51 6.41
N CYS B 117 -5.55 -18.25 6.12
CA CYS B 117 -6.28 -17.11 6.68
C CYS B 117 -5.85 -15.76 6.10
N SER B 118 -4.69 -15.74 5.43
CA SER B 118 -4.18 -14.53 4.82
C SER B 118 -4.75 -14.33 3.41
N LEU B 119 -4.97 -13.07 3.05
CA LEU B 119 -5.53 -12.73 1.74
C LEU B 119 -4.49 -12.78 0.64
N LEU B 120 -3.26 -12.38 0.95
CA LEU B 120 -2.16 -12.37 -0.01
C LEU B 120 -1.26 -13.60 0.04
N LYS B 121 -1.32 -14.33 1.16
CA LYS B 121 -0.43 -15.47 1.37
C LYS B 121 -1.14 -16.82 1.45
N GLY B 122 -2.46 -16.78 1.61
CA GLY B 122 -3.25 -18.00 1.77
C GLY B 122 -3.53 -18.76 0.49
N GLY B 123 -2.54 -19.49 0.01
CA GLY B 123 -2.69 -20.27 -1.21
C GLY B 123 -1.44 -20.95 -1.73
N GLY B 124 -1.60 -21.70 -2.82
CA GLY B 124 -0.49 -22.39 -3.46
C GLY B 124 -0.75 -22.71 -4.92
N VAL B 125 0.25 -23.25 -5.58
CA VAL B 125 0.14 -23.65 -6.98
C VAL B 125 0.53 -25.14 -7.09
N ASN B 126 -0.23 -25.89 -7.89
CA ASN B 126 -0.01 -27.33 -8.04
C ASN B 126 0.00 -27.76 -9.49
N GLU B 127 1.06 -28.48 -9.89
CA GLU B 127 1.17 -28.99 -11.26
C GLU B 127 0.33 -30.23 -11.46
N PHE B 128 0.06 -30.55 -12.73
CA PHE B 128 -0.79 -31.68 -13.10
C PHE B 128 -0.12 -33.03 -12.84
N GLY B 129 -0.95 -34.02 -12.49
CA GLY B 129 -0.50 -35.38 -12.28
C GLY B 129 -1.68 -36.33 -12.19
N LYS B 130 -1.45 -37.51 -11.64
CA LYS B 130 -2.52 -38.50 -11.46
C LYS B 130 -3.31 -38.13 -10.19
N THR B 131 -4.55 -38.63 -10.10
CA THR B 131 -5.44 -38.34 -8.98
C THR B 131 -4.77 -38.60 -7.62
N ASP B 132 -4.11 -39.75 -7.50
CA ASP B 132 -3.41 -40.13 -6.27
C ASP B 132 -2.16 -39.26 -6.05
N LEU B 133 -1.46 -38.96 -7.14
CA LEU B 133 -0.20 -38.20 -7.10
C LEU B 133 -0.41 -36.72 -6.79
N MET B 134 -1.44 -36.13 -7.37
CA MET B 134 -1.74 -34.71 -7.20
C MET B 134 -2.30 -34.41 -5.81
N ALA B 135 -2.96 -35.40 -5.21
CA ALA B 135 -3.49 -35.28 -3.86
C ALA B 135 -2.35 -35.11 -2.85
N VAL B 136 -1.22 -35.75 -3.13
CA VAL B 136 -0.01 -35.63 -2.31
C VAL B 136 0.58 -34.23 -2.49
N THR B 137 0.60 -33.75 -3.74
CA THR B 137 1.08 -32.41 -4.07
C THR B 137 0.28 -31.32 -3.34
N LEU B 138 -1.04 -31.51 -3.27
CA LEU B 138 -1.93 -30.61 -2.55
C LEU B 138 -1.74 -30.74 -1.03
N ALA B 139 -1.51 -31.97 -0.57
CA ALA B 139 -1.32 -32.26 0.85
C ALA B 139 -0.06 -31.60 1.41
N GLN B 140 0.97 -31.46 0.57
CA GLN B 140 2.21 -30.80 0.98
C GLN B 140 2.17 -29.29 0.72
N SER B 141 1.29 -28.87 -0.19
CA SER B 141 1.07 -27.44 -0.46
C SER B 141 0.28 -26.82 0.70
N LEU B 142 -0.78 -27.51 1.12
CA LEU B 142 -1.59 -27.07 2.25
C LEU B 142 -0.84 -27.18 3.58
N ALA B 143 0.10 -28.12 3.65
CA ALA B 143 0.95 -28.30 4.84
C ALA B 143 1.83 -27.09 5.08
N HIS B 144 2.35 -26.52 3.99
CA HIS B 144 3.16 -25.30 4.06
C HIS B 144 2.32 -24.13 4.57
N ASN B 145 1.12 -23.96 4.01
CA ASN B 145 0.16 -22.97 4.48
C ASN B 145 -0.15 -23.20 5.96
N ILE B 146 -0.20 -24.46 6.34
CA ILE B 146 -0.57 -24.89 7.69
C ILE B 146 0.54 -24.79 8.74
N GLY B 147 1.76 -24.54 8.29
CA GLY B 147 2.90 -24.36 9.19
C GLY B 147 3.90 -25.51 9.22
N ILE B 148 3.55 -26.61 8.56
CA ILE B 148 4.45 -27.77 8.45
C ILE B 148 5.51 -27.46 7.38
N ILE B 149 6.75 -27.32 7.83
CA ILE B 149 7.84 -26.89 6.95
C ILE B 149 8.88 -27.96 6.64
N SER B 150 8.86 -29.04 7.41
CA SER B 150 9.88 -30.11 7.34
C SER B 150 11.24 -29.54 7.74
N ASP B 151 11.50 -29.53 9.05
CA ASP B 151 12.70 -28.95 9.64
C ASP B 151 14.00 -29.48 9.02
N LYS B 152 14.75 -28.58 8.39
CA LYS B 152 16.01 -28.93 7.72
C LYS B 152 17.14 -29.21 8.70
N ARG B 153 17.17 -28.46 9.81
CA ARG B 153 18.19 -28.61 10.85
C ARG B 153 18.15 -30.00 11.49
N LYS B 154 16.94 -30.44 11.83
CA LYS B 154 16.72 -31.75 12.43
C LYS B 154 16.93 -32.88 11.42
N LEU B 155 16.62 -32.60 10.15
CA LEU B 155 16.83 -33.56 9.07
C LEU B 155 18.32 -33.83 8.80
N ALA B 156 19.10 -32.75 8.71
CA ALA B 156 20.54 -32.83 8.45
C ALA B 156 21.28 -33.52 9.60
N SER B 157 20.77 -33.33 10.81
CA SER B 157 21.33 -33.98 12.00
C SER B 157 20.91 -35.45 12.08
N GLY B 158 19.76 -35.76 11.50
CA GLY B 158 19.21 -37.11 11.54
C GLY B 158 18.22 -37.27 12.69
N GLU B 159 17.83 -36.13 13.28
CA GLU B 159 16.87 -36.11 14.38
C GLU B 159 15.50 -36.56 13.89
N CYS B 160 14.95 -35.88 12.88
CA CYS B 160 13.65 -36.27 12.32
C CYS B 160 13.82 -37.17 11.09
N LYS B 161 13.34 -38.41 11.22
CA LYS B 161 13.41 -39.39 10.13
C LYS B 161 12.04 -40.04 9.90
N CYS B 162 11.76 -40.37 8.64
CA CYS B 162 10.51 -41.02 8.25
C CYS B 162 10.48 -42.45 8.78
N GLU B 163 9.73 -42.66 9.87
CA GLU B 163 9.66 -43.95 10.55
C GLU B 163 8.97 -45.03 9.71
N ASP B 164 7.80 -44.69 9.18
CA ASP B 164 7.06 -45.59 8.30
C ASP B 164 7.35 -45.23 6.85
N THR B 165 8.28 -45.95 6.23
CA THR B 165 8.61 -45.75 4.82
C THR B 165 7.55 -46.44 3.96
N TRP B 166 6.28 -46.17 4.29
CA TRP B 166 5.14 -46.69 3.54
C TRP B 166 5.02 -45.84 2.28
N SER B 167 5.94 -46.09 1.35
CA SER B 167 6.15 -45.24 0.18
C SER B 167 6.52 -43.81 0.64
N GLY B 168 7.34 -43.74 1.70
CA GLY B 168 7.86 -42.47 2.21
C GLY B 168 6.90 -41.56 2.95
N CYS B 169 7.43 -40.44 3.42
CA CYS B 169 6.67 -39.41 4.14
C CYS B 169 6.41 -38.21 3.22
N ILE B 170 5.26 -37.55 3.41
CA ILE B 170 4.82 -36.46 2.52
C ILE B 170 5.78 -35.29 2.45
N MET B 171 6.16 -34.77 3.62
CA MET B 171 7.10 -33.65 3.69
C MET B 171 8.54 -34.09 3.43
N GLY B 172 8.67 -35.32 2.93
CA GLY B 172 9.96 -35.85 2.50
C GLY B 172 9.94 -36.01 0.98
N ASP B 173 9.89 -34.89 0.27
CA ASP B 173 9.91 -34.87 -1.19
C ASP B 173 11.28 -35.31 -1.73
N THR B 174 12.19 -35.64 -0.81
CA THR B 174 13.52 -36.16 -1.12
C THR B 174 13.44 -37.42 -2.01
N GLY B 175 12.39 -38.21 -1.80
CA GLY B 175 12.09 -39.37 -2.64
C GLY B 175 10.66 -39.23 -3.15
N TYR B 176 10.44 -39.55 -4.43
CA TYR B 176 9.11 -39.40 -5.02
C TYR B 176 8.50 -40.69 -5.54
N TYR B 177 7.39 -41.07 -4.90
CA TYR B 177 6.66 -42.31 -5.18
C TYR B 177 5.18 -42.06 -4.89
N LEU B 178 4.78 -42.32 -3.64
CA LEU B 178 3.44 -41.99 -3.17
C LEU B 178 3.40 -41.88 -1.63
N PRO B 179 3.99 -40.79 -1.08
CA PRO B 179 3.98 -40.58 0.37
C PRO B 179 2.55 -40.42 0.90
N LYS B 180 2.25 -41.15 1.97
CA LYS B 180 0.89 -41.18 2.52
C LYS B 180 0.83 -40.71 3.97
N LYS B 181 1.99 -40.45 4.58
CA LYS B 181 2.05 -40.08 5.98
C LYS B 181 2.95 -38.90 6.30
N PHE B 182 2.60 -38.19 7.39
CA PHE B 182 3.44 -37.13 7.94
C PHE B 182 4.26 -37.71 9.10
N THR B 183 5.46 -37.18 9.29
CA THR B 183 6.30 -37.55 10.43
C THR B 183 5.71 -36.96 11.71
N GLN B 184 6.11 -37.51 12.86
CA GLN B 184 5.70 -36.96 14.15
C GLN B 184 6.21 -35.53 14.35
N CYS B 185 7.33 -35.21 13.71
CA CYS B 185 7.88 -33.87 13.71
C CYS B 185 6.94 -32.91 12.95
N ASN B 186 6.35 -33.40 11.86
CA ASN B 186 5.37 -32.64 11.08
C ASN B 186 4.14 -32.26 11.91
N ILE B 187 3.66 -33.22 12.70
CA ILE B 187 2.50 -33.02 13.56
C ILE B 187 2.78 -31.98 14.65
N GLU B 188 4.00 -32.01 15.19
CA GLU B 188 4.44 -31.06 16.22
C GLU B 188 4.54 -29.64 15.66
N GLU B 189 5.10 -29.50 14.46
CA GLU B 189 5.23 -28.22 13.77
C GLU B 189 3.84 -27.58 13.53
N TYR B 190 2.85 -28.44 13.29
CA TYR B 190 1.48 -27.99 13.09
C TYR B 190 0.83 -27.58 14.41
N HIS B 191 1.08 -28.37 15.46
CA HIS B 191 0.59 -28.03 16.80
C HIS B 191 1.16 -26.70 17.30
N ASP B 192 2.47 -26.53 17.10
CA ASP B 192 3.18 -25.31 17.51
C ASP B 192 2.66 -24.08 16.77
N PHE B 193 2.22 -24.27 15.54
CA PHE B 193 1.65 -23.20 14.72
C PHE B 193 0.28 -22.75 15.25
N LEU B 194 -0.54 -23.73 15.63
CA LEU B 194 -1.87 -23.47 16.20
C LEU B 194 -1.76 -22.86 17.60
N ASN B 195 -0.80 -23.36 18.37
CA ASN B 195 -0.52 -22.84 19.72
C ASN B 195 0.14 -21.46 19.66
N SER B 196 0.75 -21.14 18.52
CA SER B 196 1.37 -19.84 18.30
C SER B 196 0.31 -18.78 17.95
N GLY B 197 -0.90 -19.22 17.59
CA GLY B 197 -1.98 -18.32 17.25
C GLY B 197 -2.33 -18.31 15.77
N GLY B 198 -1.71 -19.21 15.01
CA GLY B 198 -1.95 -19.30 13.58
C GLY B 198 -3.07 -20.25 13.23
N GLY B 199 -3.81 -19.93 12.16
CA GLY B 199 -4.90 -20.77 11.69
C GLY B 199 -6.20 -20.56 12.44
N ALA B 200 -6.55 -19.31 12.69
CA ALA B 200 -7.79 -18.97 13.40
C ALA B 200 -9.03 -19.21 12.57
N CYS B 201 -8.90 -19.08 11.25
CA CYS B 201 -10.02 -19.28 10.32
C CYS B 201 -10.33 -20.76 10.07
N LEU B 202 -9.55 -21.65 10.69
CA LEU B 202 -9.69 -23.10 10.51
C LEU B 202 -10.59 -23.75 11.55
N PHE B 203 -11.40 -22.96 12.24
CA PHE B 203 -12.20 -23.48 13.35
C PHE B 203 -13.72 -23.43 13.18
N ASN B 204 -14.18 -22.99 12.02
CA ASN B 204 -15.60 -23.00 11.71
C ASN B 204 -15.97 -24.17 10.79
N LYS B 205 -17.14 -24.76 11.04
CA LYS B 205 -17.61 -25.87 10.23
C LYS B 205 -18.52 -25.45 9.08
N PRO B 206 -18.13 -25.80 7.85
CA PRO B 206 -18.94 -25.54 6.65
C PRO B 206 -20.26 -26.35 6.71
N SER B 207 -21.25 -25.90 5.93
CA SER B 207 -22.54 -26.57 5.87
C SER B 207 -22.83 -27.14 4.48
N LYS B 208 -23.00 -26.27 3.50
CA LYS B 208 -23.28 -26.68 2.14
C LYS B 208 -22.02 -26.94 1.34
N LEU B 209 -21.54 -28.17 1.40
CA LEU B 209 -20.40 -28.59 0.57
C LEU B 209 -20.96 -28.64 -0.87
N LEU B 210 -20.12 -28.27 -1.84
CA LEU B 210 -20.53 -28.19 -3.27
C LEU B 210 -21.10 -29.47 -3.85
N ASP B 211 -21.38 -30.44 -2.97
CA ASP B 211 -21.93 -31.73 -3.36
C ASP B 211 -23.25 -31.98 -2.64
N PRO B 212 -24.22 -32.61 -3.36
CA PRO B 212 -25.56 -32.92 -2.80
C PRO B 212 -25.50 -33.60 -1.42
N PRO B 213 -26.40 -33.22 -0.51
CA PRO B 213 -26.44 -33.73 0.87
C PRO B 213 -26.44 -35.23 1.01
N GLU B 214 -25.69 -35.72 2.01
CA GLU B 214 -25.60 -37.14 2.33
C GLU B 214 -25.58 -37.27 3.85
N CYS B 215 -26.61 -37.94 4.39
CA CYS B 215 -26.74 -38.09 5.84
C CYS B 215 -25.74 -39.09 6.42
N GLY B 216 -24.82 -38.59 7.23
CA GLY B 216 -23.83 -39.43 7.89
C GLY B 216 -22.38 -39.13 7.55
N ASN B 217 -22.12 -37.93 7.02
CA ASN B 217 -20.76 -37.51 6.71
C ASN B 217 -20.16 -36.62 7.81
N GLY B 218 -21.01 -36.18 8.74
CA GLY B 218 -20.58 -35.34 9.85
C GLY B 218 -20.77 -33.86 9.60
N PHE B 219 -21.44 -33.54 8.49
CA PHE B 219 -21.68 -32.16 8.09
C PHE B 219 -23.18 -31.90 7.94
N ILE B 220 -23.67 -30.88 8.65
CA ILE B 220 -25.09 -30.52 8.60
C ILE B 220 -25.37 -29.73 7.32
N GLU B 221 -25.93 -30.43 6.33
CA GLU B 221 -26.26 -29.85 5.03
C GLU B 221 -27.72 -29.41 4.98
N THR B 222 -28.20 -29.07 3.77
CA THR B 222 -29.59 -28.65 3.60
C THR B 222 -30.57 -29.82 3.68
N GLY B 223 -31.58 -29.68 4.54
CA GLY B 223 -32.58 -30.72 4.74
C GLY B 223 -32.44 -31.44 6.07
N GLU B 224 -31.18 -31.67 6.47
CA GLU B 224 -30.87 -32.37 7.71
C GLU B 224 -31.29 -31.58 8.94
N GLU B 225 -31.25 -31.83 10.03
CA GLU B 225 -31.21 -31.03 11.26
C GLU B 225 -29.89 -31.24 12.00
N CYS B 226 -29.58 -32.51 12.27
CA CYS B 226 -28.34 -32.88 12.93
C CYS B 226 -27.52 -33.82 12.03
N ASP B 227 -26.34 -34.18 12.53
CA ASP B 227 -25.46 -35.12 11.87
C ASP B 227 -24.29 -35.41 12.80
N CYS B 228 -24.20 -36.66 13.28
CA CYS B 228 -23.04 -37.11 14.02
C CYS B 228 -22.02 -37.62 12.98
N GLY B 229 -20.89 -38.16 13.45
CA GLY B 229 -19.86 -38.66 12.54
C GLY B 229 -20.40 -39.76 11.63
N THR B 230 -20.24 -41.00 12.08
CA THR B 230 -20.78 -42.18 11.42
C THR B 230 -21.21 -43.12 12.56
N PRO B 231 -22.22 -43.98 12.33
CA PRO B 231 -22.73 -44.89 13.37
C PRO B 231 -21.71 -45.39 14.38
N ALA B 232 -20.47 -45.59 13.94
CA ALA B 232 -19.38 -46.01 14.82
C ALA B 232 -18.90 -44.87 15.72
N GLU B 233 -18.43 -43.78 15.12
CA GLU B 233 -17.96 -42.59 15.86
C GLU B 233 -19.13 -41.76 16.40
N CYS B 234 -20.34 -42.13 16.01
CA CYS B 234 -21.58 -41.48 16.46
C CYS B 234 -21.89 -41.89 17.90
N VAL B 235 -21.59 -43.14 18.24
CA VAL B 235 -21.80 -43.68 19.59
C VAL B 235 -21.06 -42.86 20.65
N LEU B 236 -19.87 -42.39 20.29
CA LEU B 236 -19.04 -41.57 21.19
C LEU B 236 -19.73 -40.26 21.57
N GLU B 237 -20.35 -39.60 20.59
CA GLU B 237 -21.07 -38.36 20.81
C GLU B 237 -22.13 -38.12 19.72
N GLY B 238 -23.37 -37.94 20.15
CA GLY B 238 -24.44 -37.59 19.22
C GLY B 238 -25.51 -38.63 18.96
N ALA B 239 -25.15 -39.90 19.13
CA ALA B 239 -26.07 -41.02 18.88
C ALA B 239 -27.33 -40.98 19.74
N GLU B 240 -27.24 -40.31 20.86
CA GLU B 240 -28.35 -40.22 21.82
C GLU B 240 -29.46 -39.28 21.36
N CYS B 241 -29.09 -38.25 20.62
CA CYS B 241 -30.04 -37.22 20.18
C CYS B 241 -30.25 -37.10 18.67
N CYS B 242 -29.30 -37.62 17.89
CA CYS B 242 -29.43 -37.60 16.44
C CYS B 242 -29.88 -38.96 15.91
N LYS B 243 -30.88 -38.93 15.03
CA LYS B 243 -31.45 -40.14 14.44
C LYS B 243 -31.92 -39.84 13.02
N LYS B 244 -31.26 -40.47 12.04
CA LYS B 244 -31.54 -40.26 10.62
C LYS B 244 -31.47 -38.77 10.26
N CYS B 245 -30.47 -38.09 10.81
CA CYS B 245 -30.27 -36.64 10.64
C CYS B 245 -31.44 -35.80 11.17
N THR B 246 -32.10 -36.31 12.20
CA THR B 246 -33.21 -35.61 12.85
C THR B 246 -33.10 -35.72 14.37
N LEU B 247 -33.35 -34.60 15.05
CA LEU B 247 -33.26 -34.53 16.50
C LEU B 247 -34.35 -35.35 17.19
N THR B 248 -34.01 -35.93 18.35
CA THR B 248 -34.96 -36.70 19.14
C THR B 248 -35.92 -35.76 19.89
N GLN B 249 -36.59 -36.28 20.92
CA GLN B 249 -37.53 -35.50 21.70
C GLN B 249 -36.82 -34.40 22.49
N ASP B 250 -36.03 -34.79 23.47
CA ASP B 250 -35.28 -33.84 24.31
C ASP B 250 -33.89 -33.58 23.74
N SER B 251 -33.83 -32.66 22.77
CA SER B 251 -32.57 -32.30 22.12
C SER B 251 -32.62 -30.95 21.43
N GLN B 252 -31.50 -30.25 21.50
CA GLN B 252 -31.31 -28.97 20.80
C GLN B 252 -30.12 -29.16 19.86
N CYS B 253 -29.24 -30.09 20.22
CA CYS B 253 -28.03 -30.39 19.47
C CYS B 253 -27.71 -31.87 19.55
N SER B 254 -26.75 -32.31 18.75
CA SER B 254 -26.28 -33.68 18.74
C SER B 254 -24.82 -33.74 19.16
N ASP B 255 -23.97 -33.05 18.41
CA ASP B 255 -22.53 -33.04 18.65
C ASP B 255 -21.97 -31.61 18.63
N GLY B 256 -20.79 -31.44 19.24
CA GLY B 256 -20.13 -30.15 19.29
C GLY B 256 -19.61 -29.79 20.67
N LEU B 257 -18.76 -28.78 20.73
CA LEU B 257 -18.18 -28.29 21.99
C LEU B 257 -19.21 -27.62 22.89
N CYS B 258 -20.25 -27.05 22.27
CA CYS B 258 -21.32 -26.41 23.00
C CYS B 258 -22.58 -27.28 23.03
N CYS B 259 -22.39 -28.53 23.44
CA CYS B 259 -23.46 -29.52 23.55
C CYS B 259 -23.07 -30.55 24.62
N LYS B 260 -23.67 -30.44 25.80
CA LYS B 260 -23.30 -31.28 26.94
C LYS B 260 -23.84 -32.70 26.84
N LYS B 261 -25.06 -32.91 27.34
CA LYS B 261 -25.72 -34.21 27.29
C LYS B 261 -26.32 -34.41 25.91
N CYS B 262 -27.35 -33.61 25.62
CA CYS B 262 -28.01 -33.56 24.31
C CYS B 262 -28.61 -32.16 24.14
N LYS B 263 -28.40 -31.32 25.14
CA LYS B 263 -28.91 -29.95 25.15
C LYS B 263 -27.76 -28.95 25.02
N PHE B 264 -28.11 -27.70 24.72
CA PHE B 264 -27.12 -26.63 24.56
C PHE B 264 -26.38 -26.30 25.86
N GLN B 265 -25.19 -25.72 25.70
CA GLN B 265 -24.40 -25.24 26.83
C GLN B 265 -24.81 -23.79 27.08
N PRO B 266 -24.99 -23.41 28.37
CA PRO B 266 -25.41 -22.03 28.71
C PRO B 266 -24.51 -20.96 28.11
N MET B 267 -25.11 -19.86 27.67
CA MET B 267 -24.39 -18.76 27.05
C MET B 267 -23.31 -18.19 27.97
N GLY B 268 -22.08 -18.19 27.48
CA GLY B 268 -20.94 -17.67 28.24
C GLY B 268 -20.04 -18.76 28.80
N THR B 269 -20.24 -19.99 28.37
CA THR B 269 -19.40 -21.11 28.80
C THR B 269 -18.15 -21.18 27.92
N VAL B 270 -16.98 -21.14 28.57
CA VAL B 270 -15.70 -21.16 27.87
C VAL B 270 -15.51 -22.45 27.08
N CYS B 271 -15.54 -22.34 25.75
CA CYS B 271 -15.35 -23.48 24.87
C CYS B 271 -13.94 -23.53 24.28
N ARG B 272 -13.31 -22.37 24.15
CA ARG B 272 -11.94 -22.29 23.65
C ARG B 272 -11.16 -21.18 24.37
N GLU B 273 -10.09 -21.58 25.04
CA GLU B 273 -9.23 -20.65 25.77
C GLU B 273 -8.20 -20.03 24.82
N ALA B 274 -7.68 -18.86 25.21
CA ALA B 274 -6.66 -18.15 24.44
C ALA B 274 -5.34 -18.92 24.43
N VAL B 275 -4.77 -19.06 23.22
CA VAL B 275 -3.50 -19.80 23.05
C VAL B 275 -2.29 -18.96 23.45
N ASN B 276 -2.40 -17.64 23.25
CA ASN B 276 -1.37 -16.69 23.63
C ASN B 276 -1.99 -15.34 24.02
N ASP B 277 -1.16 -14.32 24.24
CA ASP B 277 -1.66 -12.99 24.61
C ASP B 277 -2.11 -12.15 23.40
N CYS B 278 -2.10 -12.77 22.22
CA CYS B 278 -2.66 -12.16 21.01
C CYS B 278 -4.07 -12.69 20.78
N ASP B 279 -4.43 -13.73 21.53
CA ASP B 279 -5.69 -14.45 21.32
C ASP B 279 -6.81 -14.00 22.26
N ILE B 280 -8.04 -14.16 21.80
CA ILE B 280 -9.23 -13.87 22.60
C ILE B 280 -9.99 -15.18 22.84
N ARG B 281 -10.37 -15.43 24.09
CA ARG B 281 -11.13 -16.64 24.45
C ARG B 281 -12.52 -16.63 23.81
N GLU B 282 -13.03 -17.83 23.53
CA GLU B 282 -14.33 -17.99 22.90
C GLU B 282 -15.32 -18.66 23.86
N THR B 283 -16.55 -18.07 23.88
CA THR B 283 -17.61 -18.56 24.76
C THR B 283 -18.76 -19.17 23.95
N CYS B 284 -19.39 -20.19 24.53
CA CYS B 284 -20.56 -20.82 23.91
C CYS B 284 -21.70 -19.81 23.82
N SER B 285 -22.34 -19.78 22.66
CA SER B 285 -23.40 -18.83 22.39
C SER B 285 -24.71 -19.14 23.11
N GLY B 286 -24.85 -20.37 23.58
CA GLY B 286 -26.09 -20.84 24.19
C GLY B 286 -27.16 -21.06 23.12
N ASN B 287 -26.82 -20.69 21.90
CA ASN B 287 -27.71 -20.78 20.75
C ASN B 287 -27.24 -21.82 19.73
N SER B 288 -25.92 -22.01 19.67
CA SER B 288 -25.32 -22.92 18.70
C SER B 288 -24.56 -24.06 19.36
N SER B 289 -24.45 -25.18 18.65
CA SER B 289 -23.70 -26.35 19.11
C SER B 289 -22.21 -26.17 18.89
N GLN B 290 -21.86 -25.34 17.91
CA GLN B 290 -20.46 -25.02 17.63
C GLN B 290 -19.94 -23.94 18.55
N CYS B 291 -18.64 -24.02 18.87
CA CYS B 291 -17.96 -22.95 19.59
C CYS B 291 -17.68 -21.84 18.57
N ALA B 292 -18.12 -20.63 18.91
CA ALA B 292 -18.05 -19.46 18.02
C ALA B 292 -16.74 -19.33 17.24
N PRO B 293 -16.81 -18.91 15.97
CA PRO B 293 -15.63 -18.77 15.09
C PRO B 293 -14.43 -18.17 15.83
N ASN B 294 -13.29 -18.84 15.73
CA ASN B 294 -12.08 -18.42 16.43
C ASN B 294 -11.56 -17.07 15.96
N ILE B 295 -11.56 -16.11 16.89
CA ILE B 295 -11.08 -14.76 16.63
C ILE B 295 -10.03 -14.34 17.65
N HIS B 296 -9.18 -13.40 17.25
CA HIS B 296 -8.11 -12.91 18.11
C HIS B 296 -8.03 -11.38 18.04
N LYS B 297 -7.10 -10.81 18.80
CA LYS B 297 -6.87 -9.37 18.79
C LYS B 297 -6.39 -8.91 17.41
N MET B 298 -6.81 -7.71 17.01
CA MET B 298 -6.40 -7.15 15.72
C MET B 298 -4.91 -6.82 15.68
N ASP B 299 -4.38 -6.60 14.48
CA ASP B 299 -2.97 -6.30 14.29
C ASP B 299 -2.60 -4.93 14.86
N GLY B 300 -1.70 -4.94 15.86
CA GLY B 300 -1.28 -3.70 16.50
C GLY B 300 -1.11 -3.84 18.00
N TYR B 301 -1.87 -4.76 18.60
CA TYR B 301 -1.76 -5.04 20.03
C TYR B 301 -0.38 -5.59 20.37
N SER B 302 0.19 -5.09 21.45
CA SER B 302 1.50 -5.55 21.91
C SER B 302 1.40 -6.91 22.62
N CYS B 303 2.43 -7.73 22.43
CA CYS B 303 2.50 -9.05 23.07
C CYS B 303 3.89 -9.29 23.66
N ASP B 304 4.01 -10.33 24.48
CA ASP B 304 5.25 -10.66 25.21
C ASP B 304 5.76 -9.50 26.07
N GLY B 305 4.84 -8.61 26.46
CA GLY B 305 5.17 -7.44 27.27
C GLY B 305 6.02 -6.43 26.52
N VAL B 306 5.35 -5.62 25.70
CA VAL B 306 5.98 -4.56 24.88
C VAL B 306 7.12 -5.03 23.95
N GLN B 307 7.47 -6.31 24.05
CA GLN B 307 8.55 -6.89 23.26
C GLN B 307 8.11 -7.31 21.86
N GLY B 308 6.82 -7.58 21.71
CA GLY B 308 6.27 -8.00 20.44
C GLY B 308 4.97 -7.30 20.07
N ILE B 309 4.54 -7.47 18.82
CA ILE B 309 3.28 -6.93 18.31
C ILE B 309 2.54 -7.99 17.49
N CYS B 310 1.25 -8.14 17.77
CA CYS B 310 0.42 -9.16 17.15
C CYS B 310 0.16 -8.91 15.66
N PHE B 311 0.34 -9.97 14.87
CA PHE B 311 0.04 -9.95 13.44
C PHE B 311 -0.54 -11.30 13.03
N GLY B 312 -1.81 -11.29 12.61
CA GLY B 312 -2.50 -12.52 12.23
C GLY B 312 -2.68 -13.50 13.38
N GLY B 313 -2.69 -12.97 14.60
CA GLY B 313 -2.83 -13.79 15.80
C GLY B 313 -1.49 -14.27 16.36
N ARG B 314 -0.40 -13.91 15.68
CA ARG B 314 0.93 -14.34 16.08
C ARG B 314 1.81 -13.19 16.54
N CYS B 315 2.65 -13.47 17.54
CA CYS B 315 3.52 -12.45 18.14
C CYS B 315 4.84 -12.33 17.38
N LYS B 316 5.20 -11.09 17.05
CA LYS B 316 6.44 -10.81 16.32
C LYS B 316 7.51 -10.17 17.19
N THR B 317 8.43 -11.00 17.67
CA THR B 317 9.61 -10.51 18.39
C THR B 317 10.88 -10.99 17.67
N ARG B 318 12.02 -10.38 17.99
CA ARG B 318 13.30 -10.79 17.42
C ARG B 318 13.77 -12.13 17.97
N ASP B 319 13.38 -12.43 19.21
CA ASP B 319 13.73 -13.70 19.85
C ASP B 319 12.98 -14.87 19.22
N ARG B 320 11.72 -14.64 18.87
CA ARG B 320 10.89 -15.67 18.22
C ARG B 320 11.30 -15.88 16.77
N GLN B 321 11.80 -14.83 16.13
CA GLN B 321 12.30 -14.90 14.76
C GLN B 321 13.61 -15.70 14.72
N CYS B 322 14.45 -15.52 15.73
CA CYS B 322 15.70 -16.27 15.87
C CYS B 322 15.44 -17.76 16.07
N LYS B 323 14.40 -18.08 16.84
CA LYS B 323 14.01 -19.47 17.10
C LYS B 323 13.36 -20.12 15.90
N TYR B 324 12.60 -19.32 15.14
CA TYR B 324 11.89 -19.80 13.96
C TYR B 324 12.86 -20.23 12.85
N ILE B 325 13.97 -19.53 12.74
CA ILE B 325 14.97 -19.83 11.72
C ILE B 325 16.00 -20.87 12.17
N TRP B 326 16.50 -20.72 13.40
CA TRP B 326 17.65 -21.50 13.86
C TRP B 326 17.40 -22.58 14.91
N GLY B 327 16.24 -22.54 15.56
CA GLY B 327 15.90 -23.55 16.55
C GLY B 327 15.51 -22.98 17.91
N GLN B 328 14.83 -23.81 18.71
CA GLN B 328 14.30 -23.41 20.01
C GLN B 328 15.38 -23.06 21.03
N LYS B 329 16.55 -23.66 20.89
CA LYS B 329 17.67 -23.45 21.82
C LYS B 329 18.36 -22.10 21.59
N VAL B 330 18.06 -21.47 20.46
CA VAL B 330 18.67 -20.19 20.08
C VAL B 330 17.89 -19.02 20.66
N THR B 331 18.62 -17.99 21.10
CA THR B 331 18.03 -16.77 21.63
C THR B 331 18.54 -15.56 20.85
N ALA B 332 17.76 -14.47 20.86
CA ALA B 332 18.15 -13.22 20.22
C ALA B 332 19.29 -12.56 21.00
N SER B 333 20.21 -11.93 20.27
CA SER B 333 21.33 -11.23 20.87
C SER B 333 20.88 -10.01 21.69
N ASP B 334 21.79 -9.52 22.53
CA ASP B 334 21.54 -8.33 23.34
C ASP B 334 21.30 -7.13 22.43
N LYS B 335 20.51 -6.17 22.92
CA LYS B 335 20.21 -4.94 22.16
C LYS B 335 21.49 -4.20 21.77
N TYR B 336 22.55 -4.39 22.56
CA TYR B 336 23.86 -3.77 22.33
C TYR B 336 24.56 -4.35 21.10
N CYS B 337 24.34 -5.63 20.83
CA CYS B 337 24.87 -6.29 19.63
C CYS B 337 24.37 -5.57 18.38
N TYR B 338 23.10 -5.16 18.42
CA TYR B 338 22.49 -4.39 17.33
C TYR B 338 23.06 -2.97 17.29
N GLU B 339 23.04 -2.30 18.44
CA GLU B 339 23.46 -0.90 18.57
C GLU B 339 24.89 -0.60 18.13
N LYS B 340 25.73 -1.63 18.06
CA LYS B 340 27.13 -1.44 17.71
C LYS B 340 27.54 -2.02 16.36
N LEU B 341 27.01 -3.18 16.02
CA LEU B 341 27.39 -3.85 14.77
C LEU B 341 26.65 -3.35 13.52
N ASN B 342 25.39 -2.95 13.68
CA ASN B 342 24.59 -2.52 12.55
C ASN B 342 24.95 -1.17 11.94
N ILE B 343 25.55 -0.29 12.75
CA ILE B 343 25.98 1.03 12.28
C ILE B 343 27.32 0.96 11.54
N GLU B 344 28.01 -0.17 11.67
CA GLU B 344 29.31 -0.38 11.02
C GLU B 344 29.18 -0.45 9.50
N GLY B 345 28.25 -1.27 9.02
CA GLY B 345 28.06 -1.46 7.58
C GLY B 345 28.94 -2.55 7.01
N THR B 346 29.07 -3.64 7.76
CA THR B 346 29.87 -4.79 7.33
C THR B 346 28.95 -5.98 7.05
N GLU B 347 29.56 -7.14 6.79
CA GLU B 347 28.81 -8.39 6.60
C GLU B 347 28.30 -8.87 7.97
N LYS B 348 28.83 -8.27 9.02
CA LYS B 348 28.54 -8.67 10.40
C LYS B 348 27.46 -7.82 11.06
N GLY B 349 26.98 -6.81 10.34
CA GLY B 349 25.94 -5.91 10.84
C GLY B 349 25.66 -4.78 9.87
N ASN B 350 24.44 -4.73 9.36
CA ASN B 350 24.04 -3.76 8.32
C ASN B 350 22.54 -3.53 8.22
N CYS B 351 22.15 -2.58 7.37
CA CYS B 351 20.74 -2.29 7.06
C CYS B 351 20.37 -2.77 5.65
N GLY B 352 21.14 -3.73 5.13
CA GLY B 352 20.91 -4.26 3.79
C GLY B 352 22.15 -4.18 2.91
N LYS B 353 21.96 -4.47 1.62
CA LYS B 353 23.04 -4.46 0.65
C LYS B 353 22.61 -3.69 -0.60
N ASP B 354 23.52 -2.85 -1.11
CA ASP B 354 23.23 -2.02 -2.29
C ASP B 354 23.88 -2.58 -3.54
N LYS B 355 25.02 -1.99 -3.93
CA LYS B 355 25.78 -2.43 -5.10
C LYS B 355 27.01 -3.20 -4.65
N ASP B 356 26.77 -4.40 -4.11
CA ASP B 356 27.81 -5.26 -3.52
C ASP B 356 28.53 -4.57 -2.35
N THR B 357 27.87 -3.55 -1.79
CA THR B 357 28.36 -2.80 -0.64
C THR B 357 27.25 -2.72 0.41
N TRP B 358 27.57 -3.15 1.63
CA TRP B 358 26.60 -3.16 2.73
C TRP B 358 26.18 -1.76 3.14
N ILE B 359 24.91 -1.62 3.53
CA ILE B 359 24.37 -0.34 4.01
C ILE B 359 24.48 -0.28 5.53
N GLN B 360 25.08 0.81 6.04
CA GLN B 360 25.18 0.99 7.48
C GLN B 360 23.92 1.65 8.05
N CYS B 361 23.39 1.06 9.11
CA CYS B 361 22.18 1.54 9.75
C CYS B 361 22.34 2.89 10.43
N ASN B 362 21.27 3.67 10.39
CA ASN B 362 21.18 4.89 11.20
C ASN B 362 20.94 4.45 12.64
N LYS B 363 21.34 5.27 13.61
CA LYS B 363 21.16 4.96 15.03
C LYS B 363 19.69 4.75 15.42
N ARG B 364 18.79 5.36 14.65
CA ARG B 364 17.35 5.21 14.85
C ARG B 364 16.84 3.83 14.41
N ASP B 365 17.38 3.31 13.32
CA ASP B 365 16.90 2.05 12.73
C ASP B 365 17.84 0.87 13.02
N VAL B 366 18.40 0.86 14.22
CA VAL B 366 19.41 -0.14 14.57
C VAL B 366 18.83 -1.50 14.95
N LEU B 367 17.54 -1.52 15.31
CA LEU B 367 16.84 -2.76 15.66
C LEU B 367 16.02 -3.31 14.49
N CYS B 368 16.15 -2.70 13.31
CA CYS B 368 15.38 -3.11 12.13
C CYS B 368 16.26 -3.65 11.00
N GLY B 369 17.56 -3.76 11.25
CA GLY B 369 18.49 -4.24 10.24
C GLY B 369 18.76 -5.73 10.29
N TYR B 370 20.05 -6.08 10.29
CA TYR B 370 20.50 -7.46 10.33
C TYR B 370 20.08 -8.15 11.62
N LEU B 371 19.41 -9.30 11.48
CA LEU B 371 18.96 -10.07 12.64
C LEU B 371 20.16 -10.73 13.31
N LEU B 372 20.30 -10.47 14.61
CA LEU B 372 21.40 -11.01 15.39
C LEU B 372 20.92 -11.91 16.52
N CYS B 373 21.38 -13.17 16.47
CA CYS B 373 21.06 -14.15 17.49
C CYS B 373 22.35 -14.55 18.22
N THR B 374 22.23 -15.29 19.32
CA THR B 374 23.38 -15.62 20.16
C THR B 374 24.23 -16.78 19.63
N ASN B 375 23.99 -17.99 20.14
CA ASN B 375 24.71 -19.18 19.71
C ASN B 375 23.97 -19.85 18.56
N ILE B 376 24.36 -19.47 17.35
CA ILE B 376 23.64 -19.88 16.15
C ILE B 376 24.21 -21.16 15.52
N GLY B 377 23.37 -21.89 14.80
CA GLY B 377 23.81 -23.08 14.09
C GLY B 377 24.36 -22.70 12.72
N ASN B 378 24.43 -23.68 11.81
CA ASN B 378 24.83 -23.39 10.43
C ASN B 378 23.86 -24.03 9.42
N ILE B 379 22.72 -24.48 9.93
CA ILE B 379 21.67 -25.07 9.10
C ILE B 379 20.30 -24.59 9.58
N PRO B 380 19.68 -23.66 8.83
CA PRO B 380 18.36 -23.13 9.21
C PRO B 380 17.26 -24.18 9.04
N ARG B 381 16.20 -24.04 9.85
CA ARG B 381 15.07 -24.96 9.82
C ARG B 381 14.32 -24.90 8.49
N LEU B 382 14.36 -23.73 7.86
CA LEU B 382 13.71 -23.52 6.56
C LEU B 382 14.61 -22.66 5.67
N GLY B 383 14.29 -22.63 4.37
CA GLY B 383 15.01 -21.79 3.42
C GLY B 383 16.42 -22.22 3.09
N GLU B 384 17.18 -21.33 2.46
CA GLU B 384 18.55 -21.61 2.04
C GLU B 384 19.54 -20.62 2.66
N LEU B 385 20.52 -21.16 3.37
CA LEU B 385 21.62 -20.36 3.91
C LEU B 385 22.49 -19.90 2.75
N ASP B 386 22.55 -18.58 2.54
CA ASP B 386 23.32 -18.01 1.45
C ASP B 386 24.68 -17.49 1.93
N GLY B 387 25.62 -18.43 2.10
CA GLY B 387 26.97 -18.08 2.53
C GLY B 387 27.36 -18.67 3.86
N GLU B 388 28.06 -17.87 4.66
CA GLU B 388 28.58 -18.30 5.95
C GLU B 388 27.88 -17.61 7.12
N ILE B 389 28.19 -18.06 8.33
CA ILE B 389 27.61 -17.52 9.54
C ILE B 389 28.45 -16.36 10.08
N THR B 390 27.77 -15.26 10.41
CA THR B 390 28.39 -14.10 11.04
C THR B 390 28.53 -14.37 12.54
N SER B 391 29.67 -13.97 13.11
CA SER B 391 29.89 -14.08 14.56
C SER B 391 30.99 -13.13 15.06
N THR B 392 30.57 -11.97 15.55
CA THR B 392 31.49 -11.00 16.16
C THR B 392 31.34 -11.09 17.68
N LEU B 393 32.30 -10.50 18.41
CA LEU B 393 32.27 -10.52 19.86
C LEU B 393 32.53 -9.12 20.43
N VAL B 394 31.53 -8.58 21.12
CA VAL B 394 31.63 -7.25 21.73
C VAL B 394 31.63 -7.31 23.26
N VAL B 395 32.49 -6.50 23.87
CA VAL B 395 32.59 -6.40 25.32
C VAL B 395 31.70 -5.28 25.86
N GLN B 396 31.08 -5.52 27.01
CA GLN B 396 30.26 -4.51 27.67
C GLN B 396 30.60 -4.41 29.15
N GLN B 397 31.70 -3.72 29.43
CA GLN B 397 32.20 -3.45 30.79
C GLN B 397 32.12 -4.61 31.80
N GLY B 398 32.23 -5.84 31.28
CA GLY B 398 32.15 -7.04 32.11
C GLY B 398 31.42 -8.19 31.45
N ARG B 399 30.63 -7.89 30.42
CA ARG B 399 29.87 -8.91 29.70
C ARG B 399 30.29 -8.99 28.23
N THR B 400 30.90 -10.12 27.87
CA THR B 400 31.30 -10.37 26.48
C THR B 400 30.13 -11.04 25.75
N LEU B 401 29.58 -10.34 24.78
CA LEU B 401 28.39 -10.80 24.07
C LEU B 401 28.69 -11.41 22.71
N ASN B 402 27.98 -12.50 22.40
CA ASN B 402 28.14 -13.21 21.14
C ASN B 402 27.00 -12.88 20.19
N CYS B 403 27.32 -12.13 19.13
CA CYS B 403 26.32 -11.71 18.13
C CYS B 403 26.54 -12.48 16.84
N SER B 404 25.52 -13.22 16.42
CA SER B 404 25.62 -14.07 15.23
C SER B 404 24.46 -13.87 14.26
N GLY B 405 24.72 -14.16 12.99
CA GLY B 405 23.70 -14.01 11.95
C GLY B 405 23.82 -15.00 10.81
N GLY B 406 23.01 -14.80 9.77
CA GLY B 406 22.98 -15.66 8.60
C GLY B 406 21.93 -15.22 7.60
N HIS B 407 22.21 -15.42 6.32
CA HIS B 407 21.29 -15.03 5.25
C HIS B 407 20.47 -16.22 4.75
N VAL B 408 19.23 -16.30 5.21
CA VAL B 408 18.33 -17.40 4.85
C VAL B 408 17.31 -16.95 3.82
N LYS B 409 17.39 -17.55 2.63
CA LYS B 409 16.55 -17.18 1.50
C LYS B 409 15.40 -18.16 1.29
N LEU B 410 14.20 -17.61 1.07
CA LEU B 410 13.03 -18.40 0.69
C LEU B 410 12.68 -18.04 -0.76
N GLU B 411 12.26 -16.79 -0.95
CA GLU B 411 12.03 -16.23 -2.27
C GLU B 411 13.31 -15.47 -2.67
N GLU B 412 13.51 -15.29 -3.96
CA GLU B 412 14.65 -14.51 -4.47
C GLU B 412 14.57 -13.06 -4.00
N ASP B 413 13.39 -12.67 -3.51
CA ASP B 413 13.13 -11.33 -2.99
C ASP B 413 13.15 -11.33 -1.45
N VAL B 414 12.48 -12.30 -0.86
CA VAL B 414 12.32 -12.39 0.60
C VAL B 414 13.56 -13.03 1.25
N ASP B 415 14.13 -12.31 2.22
CA ASP B 415 15.31 -12.79 2.93
C ASP B 415 15.15 -12.73 4.45
N LEU B 416 15.15 -13.91 5.07
CA LEU B 416 15.18 -14.03 6.53
C LEU B 416 16.63 -13.83 6.95
N GLY B 417 16.83 -13.11 8.05
CA GLY B 417 18.16 -12.70 8.47
C GLY B 417 18.18 -11.20 8.68
N TYR B 418 17.10 -10.55 8.26
CA TYR B 418 16.84 -9.15 8.54
C TYR B 418 15.55 -9.08 9.34
N VAL B 419 15.47 -8.11 10.26
CA VAL B 419 14.32 -7.99 11.16
C VAL B 419 13.01 -7.83 10.41
N GLU B 420 12.12 -8.80 10.63
CA GLU B 420 10.82 -8.87 9.98
C GLU B 420 9.98 -7.61 10.23
N ASP B 421 9.28 -7.16 9.19
CA ASP B 421 8.43 -5.97 9.26
C ASP B 421 7.31 -6.14 10.28
N GLY B 422 7.14 -5.12 11.13
CA GLY B 422 6.10 -5.14 12.16
C GLY B 422 6.62 -5.37 13.57
N THR B 423 7.90 -5.75 13.67
CA THR B 423 8.56 -5.98 14.95
C THR B 423 8.80 -4.67 15.68
N PRO B 424 8.52 -4.62 17.00
CA PRO B 424 8.74 -3.40 17.77
C PRO B 424 10.20 -2.97 17.81
N CYS B 425 10.44 -1.68 17.60
CA CYS B 425 11.78 -1.10 17.69
C CYS B 425 11.81 0.01 18.72
N GLY B 426 10.72 0.11 19.51
CA GLY B 426 10.58 1.13 20.54
C GLY B 426 9.12 1.35 20.89
N PRO B 427 8.84 2.34 21.77
CA PRO B 427 7.47 2.64 22.19
C PRO B 427 6.66 3.23 21.02
N GLN B 428 5.58 2.54 20.65
CA GLN B 428 4.70 2.93 19.53
C GLN B 428 5.44 3.00 18.19
N MET B 429 6.49 2.20 18.05
CA MET B 429 7.30 2.19 16.84
C MET B 429 7.61 0.77 16.34
N MET B 430 7.50 0.58 15.03
CA MET B 430 7.72 -0.73 14.42
C MET B 430 8.68 -0.66 13.23
N CYS B 431 9.18 -1.83 12.83
CA CYS B 431 10.08 -1.93 11.68
C CYS B 431 9.30 -2.07 10.38
N LEU B 432 9.75 -1.34 9.36
CA LEU B 432 9.16 -1.41 8.03
C LEU B 432 10.25 -1.06 7.00
N GLU B 433 10.60 -2.04 6.17
CA GLU B 433 11.65 -1.89 5.16
C GLU B 433 12.97 -1.42 5.79
N HIS B 434 13.38 -2.11 6.85
CA HIS B 434 14.61 -1.82 7.60
C HIS B 434 14.64 -0.44 8.24
N ARG B 435 13.46 0.09 8.57
CA ARG B 435 13.34 1.42 9.18
C ARG B 435 12.40 1.39 10.38
N CYS B 436 12.81 2.07 11.45
CA CYS B 436 12.00 2.18 12.65
C CYS B 436 11.02 3.35 12.49
N LEU B 437 9.75 3.02 12.24
CA LEU B 437 8.71 4.01 11.98
C LEU B 437 7.62 3.98 13.04
N PRO B 438 6.91 5.11 13.22
CA PRO B 438 5.79 5.17 14.17
C PRO B 438 4.63 4.26 13.73
N VAL B 439 3.77 3.89 14.69
CA VAL B 439 2.63 3.01 14.42
C VAL B 439 1.68 3.53 13.34
N ALA B 440 1.66 4.84 13.14
CA ALA B 440 0.80 5.49 12.16
C ALA B 440 1.18 5.14 10.72
N SER B 441 2.46 4.87 10.48
CA SER B 441 2.98 4.50 9.16
C SER B 441 2.47 3.15 8.66
N PHE B 442 1.65 2.50 9.47
CA PHE B 442 1.06 1.21 9.13
C PHE B 442 -0.43 1.34 8.82
N ASN B 443 -1.00 2.49 9.22
CA ASN B 443 -2.43 2.81 9.02
C ASN B 443 -3.36 1.64 9.33
N PHE B 444 -3.32 1.16 10.57
CA PHE B 444 -4.19 0.08 11.01
C PHE B 444 -5.65 0.52 11.03
N SER B 445 -6.54 -0.38 10.60
CA SER B 445 -7.98 -0.15 10.69
C SER B 445 -8.39 -0.29 12.17
N THR B 446 -9.56 0.23 12.52
CA THR B 446 -10.01 0.20 13.91
C THR B 446 -11.49 -0.14 14.06
N CYS B 447 -11.84 -0.58 15.26
CA CYS B 447 -13.21 -0.83 15.65
C CYS B 447 -13.89 0.50 16.01
N LEU B 448 -15.21 0.45 16.24
CA LEU B 448 -15.98 1.63 16.64
C LEU B 448 -15.71 2.00 18.09
N SER B 449 -15.65 3.31 18.36
CA SER B 449 -15.42 3.81 19.71
C SER B 449 -16.13 5.15 19.93
N SER B 450 -16.83 5.25 21.05
CA SER B 450 -17.60 6.46 21.38
C SER B 450 -16.96 7.27 22.51
N LYS B 451 -15.70 6.99 22.80
CA LYS B 451 -14.94 7.74 23.80
C LYS B 451 -13.59 8.16 23.22
N GLU B 452 -13.22 9.42 23.46
CA GLU B 452 -12.00 10.02 22.92
C GLU B 452 -10.73 9.33 23.40
N GLY B 453 -9.97 8.78 22.45
CA GLY B 453 -8.70 8.12 22.74
C GLY B 453 -8.80 6.76 23.41
N THR B 454 -9.84 6.01 23.07
CA THR B 454 -10.05 4.67 23.61
C THR B 454 -10.36 3.66 22.50
N ILE B 455 -10.07 2.40 22.77
CA ILE B 455 -10.44 1.31 21.85
C ILE B 455 -11.72 0.66 22.39
N CYS B 456 -12.75 0.64 21.54
CA CYS B 456 -14.07 0.10 21.89
C CYS B 456 -14.67 0.79 23.13
N SER B 457 -14.67 2.13 23.10
CA SER B 457 -15.17 2.97 24.19
C SER B 457 -14.48 2.71 25.54
N GLY B 458 -13.39 1.96 25.50
CA GLY B 458 -12.63 1.60 26.70
C GLY B 458 -13.22 0.42 27.46
N ASN B 459 -14.10 -0.32 26.80
CA ASN B 459 -14.78 -1.46 27.44
C ASN B 459 -14.79 -2.73 26.56
N GLY B 460 -13.78 -2.86 25.70
CA GLY B 460 -13.69 -4.02 24.82
C GLY B 460 -12.41 -4.14 24.03
N VAL B 461 -12.25 -5.26 23.35
CA VAL B 461 -11.08 -5.55 22.52
C VAL B 461 -11.47 -5.60 21.04
N CYS B 462 -10.67 -4.97 20.20
CA CYS B 462 -10.89 -4.96 18.76
C CYS B 462 -10.38 -6.27 18.14
N SER B 463 -11.30 -7.06 17.59
CA SER B 463 -10.98 -8.34 16.97
C SER B 463 -10.38 -8.16 15.58
N ASN B 464 -9.85 -9.24 15.02
CA ASN B 464 -9.30 -9.23 13.66
C ASN B 464 -10.40 -9.06 12.60
N GLU B 465 -11.65 -9.30 13.00
CA GLU B 465 -12.80 -9.07 12.14
C GLU B 465 -13.24 -7.60 12.22
N LEU B 466 -12.48 -6.81 12.98
CA LEU B 466 -12.78 -5.39 13.24
C LEU B 466 -14.14 -5.20 13.92
N LYS B 467 -14.39 -6.04 14.93
CA LYS B 467 -15.60 -5.97 15.75
C LYS B 467 -15.21 -5.89 17.21
N CYS B 468 -16.01 -5.15 17.99
CA CYS B 468 -15.74 -4.99 19.41
C CYS B 468 -16.23 -6.16 20.26
N VAL B 469 -15.30 -6.84 20.91
CA VAL B 469 -15.62 -7.91 21.85
C VAL B 469 -15.65 -7.27 23.24
N CYS B 470 -16.86 -6.98 23.72
CA CYS B 470 -17.06 -6.25 24.97
C CYS B 470 -16.77 -7.07 26.21
N ASN B 471 -16.37 -6.36 27.27
CA ASN B 471 -16.22 -6.95 28.60
C ASN B 471 -17.60 -7.25 29.18
N ARG B 472 -17.62 -7.91 30.34
CA ARG B 472 -18.88 -8.22 31.02
C ARG B 472 -19.70 -6.95 31.29
N HIS B 473 -21.02 -7.07 31.16
CA HIS B 473 -21.97 -5.98 31.43
C HIS B 473 -21.99 -4.84 30.41
N TRP B 474 -21.15 -4.92 29.38
CA TRP B 474 -21.12 -3.90 28.34
C TRP B 474 -21.65 -4.44 27.02
N ILE B 475 -22.53 -3.67 26.38
CA ILE B 475 -23.13 -4.06 25.10
C ILE B 475 -22.97 -2.98 24.02
N GLY B 476 -23.33 -3.33 22.79
CA GLY B 476 -23.23 -2.41 21.66
C GLY B 476 -22.06 -2.73 20.76
N SER B 477 -22.15 -2.26 19.51
CA SER B 477 -21.08 -2.46 18.53
C SER B 477 -19.83 -1.65 18.87
N ASP B 478 -19.97 -0.74 19.84
CA ASP B 478 -18.85 0.09 20.30
C ASP B 478 -18.52 -0.15 21.79
N CYS B 479 -19.28 -1.04 22.43
CA CYS B 479 -19.16 -1.34 23.88
C CYS B 479 -19.32 -0.08 24.74
N ASN B 480 -20.26 0.78 24.36
CA ASN B 480 -20.47 2.05 25.03
C ASN B 480 -21.63 2.04 26.03
N THR B 481 -22.53 1.06 25.89
CA THR B 481 -23.71 0.96 26.73
C THR B 481 -23.55 -0.05 27.86
N TYR B 482 -23.79 0.41 29.09
CA TYR B 482 -23.69 -0.45 30.27
C TYR B 482 -25.04 -1.15 30.50
N PHE B 483 -25.00 -2.49 30.45
CA PHE B 483 -26.18 -3.33 30.55
C PHE B 483 -25.86 -4.60 31.32
N PRO B 484 -25.95 -4.55 32.66
CA PRO B 484 -25.66 -5.73 33.49
C PRO B 484 -26.79 -6.76 33.46
N HIS B 485 -26.45 -8.03 33.70
CA HIS B 485 -27.42 -9.12 33.62
C HIS B 485 -27.34 -10.18 34.71
N ASN B 486 -26.34 -10.03 35.60
CA ASN B 486 -26.08 -11.00 36.68
C ASN B 486 -25.53 -12.33 36.14
#